data_3AYF
#
_entry.id   3AYF
#
_cell.length_a   110.409
_cell.length_b   149.648
_cell.length_c   151.108
_cell.angle_alpha   90.00
_cell.angle_beta   90.00
_cell.angle_gamma   90.00
#
_symmetry.space_group_name_H-M   'C 2 2 21'
#
loop_
_entity.id
_entity.type
_entity.pdbx_description
1 polymer 'Nitric oxide reductase'
2 non-polymer 'PROTOPORPHYRIN IX CONTAINING FE'
3 non-polymer 'ZINC ION'
4 non-polymer 'CALCIUM ION'
5 non-polymer 'octyl beta-D-glucopyranoside'
6 non-polymer '4-(2-HYDROXYETHYL)-1-PIPERAZINE ETHANESULFONIC ACID'
7 non-polymer '(1R)-2-{[(R)-(2-AMINOETHOXY)(HYDROXY)PHOSPHORYL]OXY}-1-[(DODECANOYLOXY)METHYL]ETHYL (9Z)-OCTADEC-9-ENOATE'
8 water water
#
_entity_poly.entity_id   1
_entity_poly.type   'polypeptide(L)'
_entity_poly.pdbx_seq_one_letter_code
;MEVNRTVSPNIQTGRKTTNSFLKSILIFTILISSTVLLVGGYWIFKEMAPRPKEVRSESGEVLMTKETIIGGQAVFQKYG
LMDYGTVLGHGSYMGPDYTAEALKVYTEGMQDYKAKERYNKPFADLTDDEKSIIREQVIKEMRKNRYNPVTDVLVLTDAQ
VYGLEKVRDYYRDVFTNGDGWGLKKGLIKESDMPKANRAWVADSDQIQQIADFFFWTAWLSSTLRIGDEITYTNNWPYYE
DAGNTMSFSAVWWSGASVTILILFIGIILYVFYRYQLSMQEAYAEGKFPVIDLRRQPLTPSQVKAGKYFVVVSALFFVQT
MFGALLAHYYTEPDSFFGINWIYDILPFNIAKGYHLQLAIFWIATAWLGMGIFIAPLVGGQEPKKQGLLVDLLFWALVVL
VGGSMIGQWLGVNGYLGNEWFLLGHQGWEYIELGRIWQIILVVGMLLWLFIVFRGVKRGLKRESDKGGLIHLLFYSAIAV
PFFYIFAFFIQPDTNFTMADFWRWWIIHLWVEGIFEVFAVVVIGFLLVQLRLVTKKSTVRALYFQFTILLGSGVIGIGHH
YYYNGSPEVWIALGAVFSALEVIPLTLLILEAYEQYKMMRDGGANFPYKATFWFLISTAIWNLVGAGVFGFLINLPAVSY
FEHGQFLTPAHGHAAMMGVYGMFAIAVLLYSLRNIVKPEAWNDKWLKFSCWMLNIGLAGMVVITLLPVGILQMKEAFIHG
YWASRSPSFLQQDVVQNLLLVRAVPDTIFLIGVVALLVFAIKALFHLRKPTHGEGEELPVANHWMKDRLKNSLEHHHHHH
;
_entity_poly.pdbx_strand_id   A
#
loop_
_chem_comp.id
_chem_comp.type
_chem_comp.name
_chem_comp.formula
BOG D-saccharide 'octyl beta-D-glucopyranoside' 'C14 H28 O6'
CA non-polymer 'CALCIUM ION' 'Ca 2'
EPE non-polymer '4-(2-HYDROXYETHYL)-1-PIPERAZINE ETHANESULFONIC ACID' 'C8 H18 N2 O4 S'
HEM non-polymer 'PROTOPORPHYRIN IX CONTAINING FE' 'C34 H32 Fe N4 O4'
LOP non-polymer '(1R)-2-{[(R)-(2-AMINOETHOXY)(HYDROXY)PHOSPHORYL]OXY}-1-[(DODECANOYLOXY)METHYL]ETHYL (9Z)-OCTADEC-9-ENOATE' 'C35 H68 N O8 P'
ZN non-polymer 'ZINC ION' 'Zn 2'
#
# COMPACT_ATOMS: atom_id res chain seq x y z
N THR A 17 -30.07 -0.28 25.82
CA THR A 17 -29.20 -1.38 25.32
C THR A 17 -29.54 -1.72 23.86
N THR A 18 -29.72 -0.72 23.01
CA THR A 18 -30.13 -1.00 21.63
C THR A 18 -29.43 -2.04 20.72
N ASN A 19 -28.14 -1.97 20.45
CA ASN A 19 -27.58 -3.02 19.59
C ASN A 19 -26.50 -3.78 20.35
N SER A 20 -26.87 -4.20 21.54
CA SER A 20 -25.95 -4.86 22.44
C SER A 20 -25.17 -6.06 21.95
N PHE A 21 -25.86 -7.04 21.36
CA PHE A 21 -25.12 -8.20 20.90
C PHE A 21 -24.13 -7.80 19.80
N LEU A 22 -24.60 -7.03 18.83
CA LEU A 22 -23.73 -6.61 17.74
C LEU A 22 -22.48 -5.92 18.29
N LYS A 23 -22.66 -5.14 19.37
CA LYS A 23 -21.54 -4.44 19.98
C LYS A 23 -20.55 -5.39 20.65
N SER A 24 -21.07 -6.39 21.33
CA SER A 24 -20.23 -7.35 22.01
C SER A 24 -19.38 -8.04 20.96
N ILE A 25 -20.06 -8.50 19.90
CA ILE A 25 -19.39 -9.18 18.81
C ILE A 25 -18.30 -8.30 18.20
N LEU A 26 -18.63 -7.06 17.86
CA LEU A 26 -17.64 -6.16 17.27
C LEU A 26 -16.47 -5.94 18.23
N ILE A 27 -16.79 -5.59 19.48
CA ILE A 27 -15.76 -5.32 20.50
C ILE A 27 -14.91 -6.56 20.69
N PHE A 28 -15.56 -7.70 20.86
CA PHE A 28 -14.84 -8.96 21.03
C PHE A 28 -13.95 -9.22 19.80
N THR A 29 -14.52 -9.02 18.61
CA THR A 29 -13.77 -9.22 17.37
C THR A 29 -12.51 -8.37 17.35
N ILE A 30 -12.65 -7.10 17.67
CA ILE A 30 -11.49 -6.21 17.69
C ILE A 30 -10.48 -6.64 18.74
N LEU A 31 -10.98 -7.05 19.90
CA LEU A 31 -10.12 -7.46 21.01
C LEU A 31 -9.29 -8.69 20.70
N ILE A 32 -9.95 -9.74 20.25
CA ILE A 32 -9.28 -11.01 19.92
C ILE A 32 -8.30 -10.89 18.75
N SER A 33 -8.75 -10.28 17.65
CA SER A 33 -7.88 -10.14 16.49
C SER A 33 -6.67 -9.26 16.81
N SER A 34 -6.88 -8.18 17.55
CA SER A 34 -5.74 -7.32 17.91
C SER A 34 -4.70 -8.12 18.70
N THR A 35 -5.17 -8.98 19.60
CA THR A 35 -4.25 -9.79 20.40
C THR A 35 -3.42 -10.69 19.48
N VAL A 36 -4.10 -11.48 18.64
CA VAL A 36 -3.39 -12.37 17.72
C VAL A 36 -2.32 -11.61 16.93
N LEU A 37 -2.67 -10.43 16.42
CA LEU A 37 -1.70 -9.64 15.66
C LEU A 37 -0.48 -9.36 16.56
N LEU A 38 -0.75 -8.79 17.75
CA LEU A 38 0.32 -8.47 18.70
C LEU A 38 1.13 -9.71 19.08
N VAL A 39 0.47 -10.81 19.39
CA VAL A 39 1.24 -12.02 19.72
C VAL A 39 2.13 -12.38 18.53
N GLY A 40 1.54 -12.44 17.33
CA GLY A 40 2.29 -12.77 16.13
C GLY A 40 3.37 -11.74 15.87
N GLY A 41 3.14 -10.51 16.32
CA GLY A 41 4.14 -9.47 16.15
C GLY A 41 5.30 -9.75 17.07
N TYR A 42 4.99 -10.34 18.22
CA TYR A 42 6.00 -10.69 19.19
C TYR A 42 6.81 -11.89 18.72
N TRP A 43 6.13 -12.88 18.14
CA TRP A 43 6.82 -14.08 17.65
C TRP A 43 7.81 -13.73 16.54
N ILE A 44 7.48 -12.71 15.78
CA ILE A 44 8.35 -12.26 14.70
C ILE A 44 9.61 -11.67 15.27
N PHE A 45 9.44 -10.65 16.10
CA PHE A 45 10.54 -9.98 16.76
C PHE A 45 11.49 -11.00 17.38
N LYS A 46 10.92 -12.04 17.95
CA LYS A 46 11.67 -13.09 18.61
C LYS A 46 12.17 -14.25 17.72
N GLU A 47 11.67 -14.35 16.50
CA GLU A 47 12.10 -15.43 15.63
C GLU A 47 12.67 -15.02 14.29
N MET A 48 12.62 -13.72 14.00
CA MET A 48 13.16 -13.17 12.76
C MET A 48 14.66 -13.43 12.74
N ALA A 49 15.28 -13.33 11.57
CA ALA A 49 16.72 -13.55 11.45
C ALA A 49 17.48 -12.48 12.25
N PRO A 50 18.58 -12.89 12.90
CA PRO A 50 19.44 -12.02 13.72
C PRO A 50 20.45 -11.19 12.95
N ARG A 51 20.87 -10.09 13.58
CA ARG A 51 21.89 -9.21 13.03
C ARG A 51 23.09 -9.29 13.99
N PRO A 52 23.86 -10.38 13.91
CA PRO A 52 25.04 -10.63 14.75
C PRO A 52 25.93 -9.41 14.94
N LYS A 53 26.50 -9.27 16.14
CA LYS A 53 27.37 -8.14 16.44
C LYS A 53 28.60 -8.24 15.54
N GLU A 54 28.99 -9.47 15.26
CA GLU A 54 30.13 -9.74 14.40
C GLU A 54 29.95 -11.05 13.64
N VAL A 55 30.15 -11.01 12.33
CA VAL A 55 30.05 -12.21 11.52
C VAL A 55 31.50 -12.30 11.05
N ARG A 56 32.09 -13.48 11.06
CA ARG A 56 33.48 -13.58 10.64
C ARG A 56 33.88 -14.91 10.04
N SER A 57 35.16 -14.99 9.68
CA SER A 57 35.74 -16.17 9.07
C SER A 57 36.11 -17.29 10.04
N GLU A 58 36.59 -18.40 9.49
CA GLU A 58 37.03 -19.54 10.29
C GLU A 58 38.31 -19.17 11.02
N SER A 59 39.01 -18.16 10.51
CA SER A 59 40.25 -17.68 11.11
C SER A 59 39.89 -16.73 12.25
N GLY A 60 38.60 -16.43 12.35
CA GLY A 60 38.12 -15.53 13.40
C GLY A 60 38.09 -14.09 12.93
N GLU A 61 38.34 -13.87 11.65
CA GLU A 61 38.35 -12.53 11.07
C GLU A 61 36.95 -11.95 10.84
N VAL A 62 36.64 -10.86 11.54
CA VAL A 62 35.34 -10.21 11.40
C VAL A 62 35.22 -9.46 10.07
N LEU A 63 34.11 -9.68 9.39
CA LEU A 63 33.85 -9.03 8.11
C LEU A 63 32.65 -8.11 8.25
N MET A 64 31.77 -8.49 9.17
CA MET A 64 30.50 -7.79 9.39
C MET A 64 30.16 -7.56 10.85
N THR A 65 29.50 -6.44 11.10
CA THR A 65 29.05 -6.07 12.43
C THR A 65 27.57 -5.70 12.33
N LYS A 66 26.82 -5.93 13.40
CA LYS A 66 25.40 -5.58 13.41
C LYS A 66 25.29 -4.13 12.93
N GLU A 67 26.32 -3.34 13.22
CA GLU A 67 26.35 -1.95 12.82
C GLU A 67 26.53 -1.77 11.30
N THR A 68 27.24 -2.71 10.67
CA THR A 68 27.43 -2.65 9.21
C THR A 68 26.08 -2.89 8.57
N ILE A 69 25.50 -4.05 8.88
CA ILE A 69 24.22 -4.46 8.37
C ILE A 69 23.21 -3.32 8.49
N ILE A 70 23.14 -2.72 9.67
CA ILE A 70 22.22 -1.61 9.90
C ILE A 70 22.58 -0.45 8.99
N GLY A 71 23.86 -0.32 8.68
CA GLY A 71 24.31 0.76 7.81
C GLY A 71 23.96 0.50 6.35
N GLY A 72 24.25 -0.71 5.89
CA GLY A 72 23.96 -1.06 4.51
C GLY A 72 22.49 -0.78 4.28
N GLN A 73 21.66 -1.34 5.15
CA GLN A 73 20.23 -1.11 5.06
C GLN A 73 19.94 0.38 4.98
N ALA A 74 20.64 1.16 5.80
CA ALA A 74 20.42 2.60 5.85
C ALA A 74 20.72 3.34 4.55
N VAL A 75 21.76 2.95 3.84
CA VAL A 75 22.09 3.64 2.60
C VAL A 75 21.08 3.21 1.53
N PHE A 76 20.58 1.99 1.66
CA PHE A 76 19.57 1.44 0.76
C PHE A 76 18.33 2.33 0.89
N GLN A 77 17.99 2.70 2.12
CA GLN A 77 16.83 3.57 2.35
C GLN A 77 17.20 4.96 1.88
N LYS A 78 18.37 5.42 2.30
CA LYS A 78 18.89 6.75 1.96
C LYS A 78 18.71 7.06 0.46
N TYR A 79 19.13 6.14 -0.40
CA TYR A 79 19.02 6.32 -1.86
C TYR A 79 17.66 5.86 -2.46
N GLY A 80 16.65 5.70 -1.60
CA GLY A 80 15.33 5.29 -2.06
C GLY A 80 15.34 4.18 -3.11
N LEU A 81 16.15 3.16 -2.86
CA LEU A 81 16.26 2.04 -3.78
C LEU A 81 15.06 1.10 -3.68
N MET A 82 14.20 1.31 -2.68
CA MET A 82 13.03 0.46 -2.51
C MET A 82 11.96 0.94 -3.50
N ASP A 83 12.22 2.09 -4.13
CA ASP A 83 11.30 2.65 -5.10
C ASP A 83 11.85 2.35 -6.48
N TYR A 84 12.79 1.41 -6.55
CA TYR A 84 13.39 1.01 -7.81
C TYR A 84 13.35 -0.51 -7.95
N GLY A 85 13.91 -1.20 -6.96
CA GLY A 85 13.91 -2.65 -6.94
C GLY A 85 13.28 -3.11 -5.63
N THR A 86 13.56 -4.35 -5.26
CA THR A 86 13.03 -4.92 -4.03
C THR A 86 14.10 -5.64 -3.21
N VAL A 87 13.75 -6.06 -2.00
CA VAL A 87 14.60 -6.89 -1.13
C VAL A 87 13.55 -7.73 -0.40
N LEU A 88 13.75 -9.04 -0.36
CA LEU A 88 12.81 -9.94 0.26
C LEU A 88 11.41 -9.77 -0.40
N GLY A 89 11.42 -9.45 -1.69
CA GLY A 89 10.20 -9.31 -2.47
C GLY A 89 9.36 -8.05 -2.32
N HIS A 90 9.78 -7.15 -1.43
CA HIS A 90 9.04 -5.92 -1.23
C HIS A 90 9.77 -4.75 -1.88
N GLY A 91 9.01 -3.86 -2.49
CA GLY A 91 9.60 -2.72 -3.16
C GLY A 91 9.17 -2.63 -4.61
N SER A 92 9.93 -1.92 -5.43
CA SER A 92 9.62 -1.74 -6.85
C SER A 92 10.11 -2.82 -7.80
N TYR A 93 9.63 -2.82 -9.04
CA TYR A 93 10.04 -3.88 -9.97
C TYR A 93 10.86 -3.47 -11.17
N MET A 94 11.20 -2.18 -11.27
CA MET A 94 12.02 -1.73 -12.38
C MET A 94 13.36 -2.41 -12.21
N GLY A 95 13.88 -2.35 -10.97
CA GLY A 95 15.15 -2.97 -10.67
C GLY A 95 14.93 -4.44 -10.34
N PRO A 96 15.94 -5.14 -9.83
CA PRO A 96 15.79 -6.55 -9.49
C PRO A 96 15.48 -6.70 -8.01
N ASP A 97 15.55 -7.94 -7.54
CA ASP A 97 15.38 -8.16 -6.12
C ASP A 97 16.78 -8.46 -5.62
N TYR A 98 17.33 -7.55 -4.84
CA TYR A 98 18.69 -7.70 -4.32
C TYR A 98 18.92 -8.95 -3.51
N THR A 99 17.90 -9.41 -2.80
CA THR A 99 18.05 -10.60 -2.01
C THR A 99 18.32 -11.78 -2.93
N ALA A 100 17.45 -11.98 -3.92
CA ALA A 100 17.62 -13.09 -4.86
C ALA A 100 18.86 -12.89 -5.73
N GLU A 101 19.12 -11.65 -6.15
CA GLU A 101 20.27 -11.35 -6.98
C GLU A 101 21.56 -11.57 -6.19
N ALA A 102 21.64 -10.98 -4.99
CA ALA A 102 22.81 -11.13 -4.13
C ALA A 102 23.01 -12.59 -3.75
N LEU A 103 21.92 -13.32 -3.61
CA LEU A 103 21.96 -14.73 -3.24
C LEU A 103 22.59 -15.55 -4.36
N LYS A 104 22.30 -15.18 -5.60
CA LYS A 104 22.86 -15.90 -6.73
C LYS A 104 24.37 -15.68 -6.81
N VAL A 105 24.80 -14.43 -6.78
CA VAL A 105 26.22 -14.13 -6.85
C VAL A 105 26.96 -14.87 -5.75
N TYR A 106 26.47 -14.74 -4.52
CA TYR A 106 27.04 -15.40 -3.36
C TYR A 106 27.06 -16.92 -3.54
N THR A 107 26.01 -17.45 -4.15
CA THR A 107 25.90 -18.89 -4.39
C THR A 107 26.87 -19.28 -5.50
N GLU A 108 26.89 -18.47 -6.56
CA GLU A 108 27.77 -18.71 -7.72
C GLU A 108 29.22 -18.74 -7.23
N GLY A 109 29.55 -17.80 -6.35
CA GLY A 109 30.90 -17.73 -5.80
C GLY A 109 31.25 -18.99 -5.03
N MET A 110 30.33 -19.43 -4.18
CA MET A 110 30.56 -20.64 -3.40
C MET A 110 30.82 -21.79 -4.34
N GLN A 111 30.23 -21.73 -5.51
CA GLN A 111 30.42 -22.78 -6.50
C GLN A 111 31.84 -22.70 -7.03
N ASP A 112 32.26 -21.51 -7.47
CA ASP A 112 33.61 -21.33 -7.99
C ASP A 112 34.66 -21.72 -6.94
N TYR A 113 34.51 -21.20 -5.73
CA TYR A 113 35.47 -21.50 -4.68
C TYR A 113 35.65 -23.01 -4.52
N LYS A 114 34.53 -23.72 -4.41
CA LYS A 114 34.60 -25.16 -4.28
C LYS A 114 34.93 -25.78 -5.63
N ALA A 115 34.90 -24.96 -6.68
CA ALA A 115 35.20 -25.42 -8.04
C ALA A 115 36.69 -25.52 -8.30
N LYS A 116 37.49 -25.12 -7.32
CA LYS A 116 38.93 -25.18 -7.44
C LYS A 116 39.49 -26.28 -6.54
N ALA A 124 32.44 -23.12 -14.16
CA ALA A 124 31.55 -23.11 -15.31
C ALA A 124 32.08 -23.96 -16.45
N ASP A 125 33.13 -24.72 -16.18
CA ASP A 125 33.73 -25.57 -17.20
C ASP A 125 33.61 -27.06 -16.85
N LEU A 126 33.19 -27.35 -15.62
CA LEU A 126 33.05 -28.71 -15.15
C LEU A 126 32.01 -29.49 -15.95
N THR A 127 32.02 -30.81 -15.80
CA THR A 127 31.08 -31.67 -16.50
C THR A 127 29.71 -31.53 -15.81
N ASP A 128 28.66 -32.02 -16.45
CA ASP A 128 27.34 -31.95 -15.83
C ASP A 128 27.39 -32.88 -14.63
N ASP A 129 28.13 -33.97 -14.79
CA ASP A 129 28.29 -34.96 -13.74
C ASP A 129 29.15 -34.33 -12.66
N GLU A 130 29.94 -33.34 -13.07
CA GLU A 130 30.84 -32.66 -12.15
C GLU A 130 30.22 -31.43 -11.47
N LYS A 131 29.66 -30.51 -12.25
CA LYS A 131 29.05 -29.32 -11.66
C LYS A 131 27.94 -29.80 -10.73
N SER A 132 27.43 -30.99 -11.04
CA SER A 132 26.38 -31.62 -10.26
C SER A 132 26.85 -31.84 -8.82
N ILE A 133 28.01 -32.47 -8.68
CA ILE A 133 28.59 -32.74 -7.36
C ILE A 133 28.81 -31.47 -6.57
N ILE A 134 29.45 -30.49 -7.20
CA ILE A 134 29.73 -29.23 -6.52
C ILE A 134 28.49 -28.48 -6.05
N ARG A 135 27.58 -28.20 -6.97
CA ARG A 135 26.35 -27.49 -6.65
C ARG A 135 25.64 -28.17 -5.48
N GLU A 136 25.74 -29.51 -5.45
CA GLU A 136 25.15 -30.30 -4.39
C GLU A 136 25.89 -30.06 -3.09
N GLN A 137 27.20 -29.82 -3.20
CA GLN A 137 28.07 -29.57 -2.06
C GLN A 137 27.77 -28.22 -1.41
N VAL A 138 27.65 -27.19 -2.24
CA VAL A 138 27.36 -25.86 -1.74
C VAL A 138 25.99 -25.86 -1.10
N ILE A 139 25.12 -26.78 -1.53
CA ILE A 139 23.78 -26.88 -0.95
C ILE A 139 23.86 -27.32 0.50
N LYS A 140 24.45 -28.49 0.73
CA LYS A 140 24.57 -29.02 2.08
C LYS A 140 25.36 -28.08 2.99
N GLU A 141 26.22 -27.25 2.41
CA GLU A 141 27.03 -26.34 3.23
C GLU A 141 26.43 -24.99 3.57
N MET A 142 25.70 -24.39 2.64
CA MET A 142 25.14 -23.06 2.89
C MET A 142 23.84 -23.02 3.67
N ARG A 143 23.07 -24.10 3.65
CA ARG A 143 21.80 -24.12 4.36
C ARG A 143 21.85 -24.48 5.84
N LYS A 144 23.05 -24.67 6.39
CA LYS A 144 23.19 -25.00 7.80
C LYS A 144 23.46 -23.73 8.59
N ASN A 145 22.70 -23.54 9.67
CA ASN A 145 22.84 -22.34 10.49
C ASN A 145 24.07 -22.37 11.39
N ARG A 146 25.00 -21.46 11.14
CA ARG A 146 26.22 -21.38 11.92
C ARG A 146 26.24 -20.16 12.83
N TYR A 147 25.06 -19.78 13.32
CA TYR A 147 24.93 -18.65 14.22
C TYR A 147 24.82 -19.18 15.64
N ASN A 148 25.50 -18.52 16.57
CA ASN A 148 25.47 -18.94 17.96
C ASN A 148 24.57 -18.00 18.77
N PRO A 149 23.42 -18.52 19.23
CA PRO A 149 22.49 -17.72 20.02
C PRO A 149 23.09 -17.28 21.35
N VAL A 150 23.87 -18.16 21.97
CA VAL A 150 24.51 -17.84 23.24
C VAL A 150 25.40 -16.61 23.06
N THR A 151 26.09 -16.56 21.93
CA THR A 151 26.97 -15.43 21.60
C THR A 151 26.53 -14.86 20.27
N ASP A 152 26.03 -13.63 20.29
CA ASP A 152 25.54 -12.98 19.09
C ASP A 152 26.58 -12.82 17.98
N VAL A 153 27.16 -13.94 17.56
CA VAL A 153 28.14 -13.91 16.47
C VAL A 153 27.96 -15.09 15.54
N LEU A 154 28.11 -14.81 14.26
CA LEU A 154 27.96 -15.82 13.23
C LEU A 154 29.27 -16.03 12.49
N VAL A 155 29.59 -17.28 12.21
CA VAL A 155 30.80 -17.63 11.47
C VAL A 155 30.41 -18.38 10.21
N LEU A 156 30.98 -17.99 9.08
CA LEU A 156 30.68 -18.65 7.82
C LEU A 156 31.93 -19.15 7.11
N THR A 157 31.86 -20.39 6.65
CA THR A 157 32.96 -21.05 5.96
C THR A 157 33.67 -20.17 4.93
N ASP A 158 34.81 -20.63 4.45
CA ASP A 158 35.57 -19.88 3.43
C ASP A 158 34.75 -19.81 2.16
N ALA A 159 34.23 -20.97 1.75
CA ALA A 159 33.42 -21.07 0.54
C ALA A 159 32.35 -19.97 0.52
N GLN A 160 31.91 -19.57 1.71
CA GLN A 160 30.90 -18.54 1.86
C GLN A 160 31.51 -17.15 1.85
N VAL A 161 32.72 -17.03 2.38
CA VAL A 161 33.41 -15.75 2.44
C VAL A 161 33.83 -15.36 1.03
N TYR A 162 34.24 -16.34 0.23
CA TYR A 162 34.63 -16.05 -1.14
C TYR A 162 33.37 -15.50 -1.81
N GLY A 163 32.23 -16.10 -1.50
CA GLY A 163 30.97 -15.66 -2.06
C GLY A 163 30.61 -14.23 -1.66
N LEU A 164 30.87 -13.88 -0.41
CA LEU A 164 30.57 -12.55 0.09
C LEU A 164 31.41 -11.53 -0.67
N GLU A 165 32.55 -12.00 -1.17
CA GLU A 165 33.45 -11.16 -1.95
C GLU A 165 32.80 -10.79 -3.27
N LYS A 166 32.41 -11.81 -4.03
CA LYS A 166 31.75 -11.61 -5.32
C LYS A 166 30.54 -10.69 -5.14
N VAL A 167 29.85 -10.84 -4.01
CA VAL A 167 28.68 -10.01 -3.73
C VAL A 167 29.17 -8.58 -3.52
N ARG A 168 30.23 -8.45 -2.74
CA ARG A 168 30.80 -7.15 -2.45
C ARG A 168 31.28 -6.47 -3.73
N ASP A 169 31.98 -7.22 -4.58
CA ASP A 169 32.47 -6.67 -5.84
C ASP A 169 31.31 -6.29 -6.75
N TYR A 170 30.39 -7.25 -6.93
CA TYR A 170 29.22 -7.07 -7.78
C TYR A 170 28.52 -5.73 -7.60
N TYR A 171 28.18 -5.40 -6.36
CA TYR A 171 27.47 -4.16 -6.10
C TYR A 171 28.31 -2.89 -6.15
N ARG A 172 29.63 -3.03 -6.06
CA ARG A 172 30.46 -1.83 -6.16
C ARG A 172 30.34 -1.45 -7.60
N ASP A 173 30.46 -2.46 -8.45
CA ASP A 173 30.34 -2.26 -9.88
C ASP A 173 28.97 -1.63 -10.13
N VAL A 174 27.93 -2.23 -9.54
CA VAL A 174 26.57 -1.71 -9.70
C VAL A 174 26.40 -0.28 -9.25
N PHE A 175 26.72 -0.01 -7.99
CA PHE A 175 26.57 1.33 -7.46
C PHE A 175 27.68 2.28 -7.88
N THR A 176 28.38 1.91 -8.96
CA THR A 176 29.46 2.71 -9.52
C THR A 176 29.22 2.87 -11.02
N ASN A 177 29.20 1.74 -11.73
CA ASN A 177 28.99 1.72 -13.17
C ASN A 177 27.51 1.73 -13.55
N GLY A 178 26.67 1.20 -12.66
CA GLY A 178 25.25 1.14 -12.92
C GLY A 178 24.84 -0.31 -13.03
N ASP A 179 23.56 -0.56 -13.35
CA ASP A 179 23.08 -1.94 -13.49
C ASP A 179 22.67 -2.24 -14.93
N GLY A 180 23.03 -1.34 -15.84
CA GLY A 180 22.73 -1.53 -17.24
C GLY A 180 21.25 -1.45 -17.54
N TRP A 181 20.49 -0.86 -16.63
CA TRP A 181 19.06 -0.76 -16.82
C TRP A 181 18.35 0.19 -15.86
N GLY A 182 18.25 1.47 -16.21
CA GLY A 182 17.55 2.40 -15.32
C GLY A 182 18.29 2.97 -14.12
N LEU A 183 19.21 2.23 -13.53
CA LEU A 183 19.93 2.77 -12.38
C LEU A 183 21.04 3.76 -12.80
N LYS A 184 21.04 4.94 -12.18
CA LYS A 184 22.04 5.98 -12.45
C LYS A 184 23.45 5.54 -12.05
N LYS A 185 24.43 5.97 -12.83
CA LYS A 185 25.85 5.62 -12.61
C LYS A 185 26.41 6.28 -11.34
N GLY A 186 27.25 5.52 -10.64
CA GLY A 186 27.87 6.01 -9.41
C GLY A 186 26.92 6.87 -8.61
N LEU A 187 25.80 6.29 -8.21
CA LEU A 187 24.83 7.05 -7.43
C LEU A 187 25.28 7.17 -5.98
N ILE A 188 25.99 6.15 -5.49
CA ILE A 188 26.46 6.19 -4.11
C ILE A 188 27.86 6.83 -4.00
N LYS A 189 27.95 7.88 -3.20
CA LYS A 189 29.22 8.58 -3.04
C LYS A 189 29.40 9.12 -1.62
N GLU A 190 30.59 8.90 -1.05
CA GLU A 190 30.92 9.34 0.30
C GLU A 190 30.63 10.83 0.49
N SER A 191 30.89 11.61 -0.55
CA SER A 191 30.65 13.04 -0.50
C SER A 191 29.20 13.40 -0.16
N ASP A 192 28.31 12.41 -0.23
CA ASP A 192 26.90 12.65 0.08
C ASP A 192 26.72 12.76 1.59
N MET A 193 27.66 12.19 2.32
CA MET A 193 27.60 12.18 3.78
C MET A 193 28.95 12.52 4.40
N PRO A 194 28.94 13.21 5.56
CA PRO A 194 30.13 13.63 6.31
C PRO A 194 31.26 12.62 6.31
N LYS A 195 32.44 13.10 6.72
CA LYS A 195 33.63 12.28 6.82
C LYS A 195 33.32 11.07 7.64
N ALA A 196 32.76 11.34 8.80
CA ALA A 196 32.43 10.29 9.73
C ALA A 196 31.32 10.89 10.55
N ASN A 197 30.87 10.17 11.59
CA ASN A 197 29.77 10.60 12.41
C ASN A 197 28.54 10.76 11.54
N ARG A 198 28.36 9.77 10.67
CA ARG A 198 27.24 9.70 9.73
C ARG A 198 26.01 9.15 10.45
N ALA A 199 24.90 9.88 10.35
CA ALA A 199 23.61 9.56 10.97
C ALA A 199 23.29 8.10 11.33
N TRP A 200 22.84 7.31 10.36
CA TRP A 200 22.49 5.93 10.66
C TRP A 200 23.45 4.99 9.98
N VAL A 201 24.15 5.50 8.99
CA VAL A 201 25.10 4.69 8.28
C VAL A 201 26.40 4.71 9.10
N ALA A 202 27.15 3.63 9.03
CA ALA A 202 28.37 3.53 9.79
C ALA A 202 29.60 4.23 9.20
N ASP A 203 30.61 4.41 10.07
CA ASP A 203 31.88 5.01 9.67
C ASP A 203 32.50 3.85 8.90
N SER A 204 32.59 3.98 7.59
CA SER A 204 33.12 2.92 6.74
C SER A 204 32.51 3.11 5.36
N ASP A 205 33.21 2.66 4.33
CA ASP A 205 32.72 2.78 2.97
C ASP A 205 31.24 2.42 2.91
N GLN A 206 30.46 3.26 2.24
CA GLN A 206 29.02 3.03 2.15
C GLN A 206 28.60 1.85 1.28
N ILE A 207 29.23 1.69 0.12
CA ILE A 207 28.85 0.59 -0.77
C ILE A 207 29.47 -0.75 -0.39
N GLN A 208 29.98 -0.84 0.83
CA GLN A 208 30.54 -2.09 1.35
C GLN A 208 29.49 -2.49 2.38
N GLN A 209 28.78 -1.50 2.91
CA GLN A 209 27.73 -1.74 3.90
C GLN A 209 26.51 -2.31 3.15
N ILE A 210 26.12 -1.67 2.05
CA ILE A 210 25.00 -2.13 1.23
C ILE A 210 25.18 -3.59 0.85
N ALA A 211 26.32 -3.89 0.23
CA ALA A 211 26.64 -5.24 -0.19
C ALA A 211 26.49 -6.17 1.01
N ASP A 212 26.74 -5.63 2.18
CA ASP A 212 26.65 -6.39 3.43
C ASP A 212 25.21 -6.58 3.84
N PHE A 213 24.41 -5.53 3.67
CA PHE A 213 23.00 -5.60 3.99
C PHE A 213 22.36 -6.63 3.05
N PHE A 214 22.57 -6.46 1.74
CA PHE A 214 22.02 -7.39 0.77
C PHE A 214 22.47 -8.80 1.07
N PHE A 215 23.75 -8.98 1.39
CA PHE A 215 24.27 -10.31 1.70
C PHE A 215 23.55 -10.90 2.91
N TRP A 216 23.21 -10.06 3.88
CA TRP A 216 22.53 -10.55 5.06
C TRP A 216 21.13 -11.09 4.75
N THR A 217 20.33 -10.30 4.03
CA THR A 217 19.00 -10.75 3.67
C THR A 217 19.11 -12.05 2.90
N ALA A 218 20.15 -12.15 2.07
CA ALA A 218 20.40 -13.35 1.28
C ALA A 218 20.86 -14.47 2.18
N TRP A 219 21.52 -14.11 3.27
CA TRP A 219 21.99 -15.11 4.21
C TRP A 219 20.79 -15.77 4.90
N LEU A 220 19.89 -14.96 5.46
CA LEU A 220 18.73 -15.53 6.15
C LEU A 220 17.72 -16.20 5.23
N SER A 221 17.67 -15.76 3.97
CA SER A 221 16.73 -16.33 3.01
C SER A 221 17.17 -17.72 2.59
N SER A 222 18.45 -18.03 2.78
CA SER A 222 18.96 -19.34 2.37
C SER A 222 19.41 -20.23 3.51
N THR A 223 19.53 -19.66 4.70
CA THR A 223 19.98 -20.42 5.85
C THR A 223 18.81 -20.93 6.68
N LEU A 224 18.83 -22.22 7.01
CA LEU A 224 17.79 -22.85 7.82
C LEU A 224 17.62 -22.16 9.17
N ARG A 225 16.40 -22.15 9.67
CA ARG A 225 16.13 -21.56 10.97
C ARG A 225 16.63 -22.60 11.98
N ILE A 226 17.24 -22.15 13.08
CA ILE A 226 17.76 -23.04 14.12
C ILE A 226 16.74 -24.11 14.53
N GLY A 227 17.12 -25.37 14.37
CA GLY A 227 16.23 -26.47 14.71
C GLY A 227 15.22 -26.77 13.62
N ASP A 228 14.87 -25.76 12.83
CA ASP A 228 13.89 -25.90 11.75
C ASP A 228 14.45 -26.64 10.53
N GLU A 229 13.61 -26.85 9.53
CA GLU A 229 14.02 -27.55 8.32
C GLU A 229 13.87 -26.68 7.08
N ILE A 230 13.48 -25.44 7.27
CA ILE A 230 13.33 -24.49 6.17
C ILE A 230 13.95 -23.20 6.67
N THR A 231 14.15 -22.24 5.77
CA THR A 231 14.81 -21.00 6.15
C THR A 231 13.95 -19.90 6.79
N TYR A 232 14.64 -18.85 7.23
CA TYR A 232 14.00 -17.71 7.87
C TYR A 232 12.89 -17.09 7.03
N THR A 233 12.85 -17.41 5.75
CA THR A 233 11.84 -16.88 4.83
C THR A 233 11.03 -18.01 4.23
N ASN A 234 11.00 -19.15 4.91
CA ASN A 234 10.26 -20.29 4.42
C ASN A 234 10.68 -20.66 2.99
N ASN A 235 11.99 -20.75 2.81
CA ASN A 235 12.60 -21.11 1.53
C ASN A 235 12.42 -20.10 0.37
N TRP A 236 12.17 -18.84 0.70
CA TRP A 236 12.03 -17.82 -0.34
C TRP A 236 13.35 -17.05 -0.43
N PRO A 237 13.77 -16.65 -1.64
CA PRO A 237 13.11 -16.84 -2.94
C PRO A 237 13.34 -18.22 -3.54
N TYR A 238 12.55 -18.55 -4.57
CA TYR A 238 12.71 -19.85 -5.20
C TYR A 238 14.06 -19.84 -5.89
N TYR A 239 14.87 -20.87 -5.63
CA TYR A 239 16.21 -20.96 -6.21
C TYR A 239 16.89 -22.30 -5.93
N GLU A 240 16.72 -23.24 -6.85
CA GLU A 240 17.30 -24.57 -6.74
C GLU A 240 18.75 -24.62 -6.22
N ASP A 241 19.64 -23.89 -6.88
CA ASP A 241 21.06 -23.86 -6.50
C ASP A 241 21.34 -23.60 -5.03
N ALA A 242 20.40 -22.97 -4.34
CA ALA A 242 20.59 -22.69 -2.91
C ALA A 242 19.73 -23.62 -2.08
N GLY A 243 19.10 -24.59 -2.74
CA GLY A 243 18.25 -25.51 -2.01
C GLY A 243 16.90 -24.92 -1.64
N ASN A 244 16.56 -23.73 -2.17
CA ASN A 244 15.28 -23.11 -1.86
C ASN A 244 14.10 -23.58 -2.73
N THR A 245 13.25 -24.43 -2.16
CA THR A 245 12.06 -24.93 -2.87
C THR A 245 10.82 -24.85 -1.98
N MET A 246 9.64 -24.76 -2.59
CA MET A 246 8.38 -24.63 -1.85
C MET A 246 8.26 -25.50 -0.59
N SER A 247 7.80 -24.89 0.50
CA SER A 247 7.64 -25.60 1.76
C SER A 247 6.29 -26.32 1.81
N PHE A 248 6.18 -27.33 2.68
CA PHE A 248 4.93 -28.06 2.81
C PHE A 248 3.81 -27.12 3.24
N SER A 249 4.09 -26.23 4.18
CA SER A 249 3.11 -25.27 4.69
C SER A 249 2.51 -24.41 3.58
N ALA A 250 3.35 -24.03 2.62
CA ALA A 250 2.87 -23.21 1.52
C ALA A 250 1.78 -23.94 0.72
N VAL A 251 1.93 -25.24 0.51
CA VAL A 251 0.93 -26.00 -0.22
C VAL A 251 -0.25 -26.37 0.67
N TRP A 252 0.02 -26.81 1.89
CA TRP A 252 -1.08 -27.19 2.77
C TRP A 252 -2.00 -26.02 3.12
N TRP A 253 -1.44 -24.87 3.48
CA TRP A 253 -2.29 -23.74 3.82
C TRP A 253 -3.02 -23.11 2.65
N SER A 254 -2.61 -23.47 1.43
CA SER A 254 -3.29 -22.96 0.25
C SER A 254 -4.67 -23.65 0.24
N GLY A 255 -4.68 -24.96 0.42
CA GLY A 255 -5.94 -25.68 0.44
C GLY A 255 -6.76 -25.36 1.68
N ALA A 256 -6.12 -25.46 2.86
CA ALA A 256 -6.79 -25.19 4.12
C ALA A 256 -7.47 -23.82 4.14
N SER A 257 -6.75 -22.78 3.79
CA SER A 257 -7.31 -21.43 3.78
C SER A 257 -8.60 -21.34 2.97
N VAL A 258 -8.61 -21.91 1.77
CA VAL A 258 -9.81 -21.83 0.96
C VAL A 258 -10.93 -22.68 1.56
N THR A 259 -10.59 -23.83 2.13
CA THR A 259 -11.65 -24.64 2.74
C THR A 259 -12.31 -23.88 3.90
N ILE A 260 -11.51 -23.18 4.71
CA ILE A 260 -12.09 -22.43 5.82
C ILE A 260 -12.93 -21.27 5.30
N LEU A 261 -12.49 -20.68 4.21
CA LEU A 261 -13.24 -19.60 3.57
C LEU A 261 -14.62 -20.13 3.11
N ILE A 262 -14.63 -21.30 2.48
CA ILE A 262 -15.87 -21.89 2.02
C ILE A 262 -16.78 -22.07 3.23
N LEU A 263 -16.20 -22.56 4.34
CA LEU A 263 -16.97 -22.76 5.56
C LEU A 263 -17.64 -21.48 6.04
N PHE A 264 -16.89 -20.38 6.14
CA PHE A 264 -17.51 -19.16 6.62
C PHE A 264 -18.41 -18.41 5.65
N ILE A 265 -18.19 -18.60 4.35
CA ILE A 265 -19.05 -17.95 3.37
C ILE A 265 -20.48 -18.41 3.69
N GLY A 266 -20.64 -19.71 3.87
CA GLY A 266 -21.94 -20.26 4.18
C GLY A 266 -22.47 -19.70 5.48
N ILE A 267 -21.65 -19.78 6.53
CA ILE A 267 -22.03 -19.25 7.84
C ILE A 267 -22.40 -17.77 7.80
N ILE A 268 -21.53 -16.95 7.24
CA ILE A 268 -21.78 -15.51 7.18
C ILE A 268 -23.03 -15.20 6.36
N LEU A 269 -23.16 -15.89 5.23
CA LEU A 269 -24.30 -15.73 4.35
C LEU A 269 -25.59 -15.95 5.15
N TYR A 270 -25.60 -17.05 5.91
CA TYR A 270 -26.76 -17.37 6.74
C TYR A 270 -27.05 -16.25 7.76
N VAL A 271 -26.01 -15.79 8.46
CA VAL A 271 -26.18 -14.72 9.44
C VAL A 271 -26.73 -13.48 8.76
N PHE A 272 -26.14 -13.16 7.61
CA PHE A 272 -26.57 -12.01 6.82
C PHE A 272 -28.05 -12.07 6.44
N TYR A 273 -28.47 -13.23 5.93
CA TYR A 273 -29.83 -13.44 5.50
C TYR A 273 -30.83 -13.41 6.67
N ARG A 274 -30.52 -14.12 7.74
CA ARG A 274 -31.41 -14.19 8.89
C ARG A 274 -31.58 -12.94 9.76
N TYR A 275 -30.64 -12.02 9.70
CA TYR A 275 -30.80 -10.83 10.53
C TYR A 275 -30.98 -9.59 9.68
N GLN A 276 -31.14 -9.80 8.38
CA GLN A 276 -31.32 -8.69 7.45
C GLN A 276 -30.30 -7.62 7.79
N LEU A 277 -29.04 -8.03 7.85
CA LEU A 277 -27.96 -7.13 8.20
C LEU A 277 -27.49 -6.23 7.06
N SER A 278 -28.44 -5.54 6.44
CA SER A 278 -28.12 -4.64 5.35
C SER A 278 -29.05 -3.43 5.44
N MET A 279 -28.77 -2.39 4.67
CA MET A 279 -29.60 -1.20 4.68
C MET A 279 -30.96 -1.47 4.06
N GLN A 280 -31.99 -0.87 4.65
CA GLN A 280 -33.38 -1.01 4.20
C GLN A 280 -33.87 0.35 3.70
N GLU A 281 -34.49 0.37 2.51
CA GLU A 281 -35.01 1.61 1.93
C GLU A 281 -35.92 2.27 2.95
N ALA A 282 -35.86 3.60 3.02
CA ALA A 282 -36.68 4.34 3.98
C ALA A 282 -37.94 4.91 3.32
N TYR A 283 -38.14 4.59 2.04
CA TYR A 283 -39.28 5.09 1.31
C TYR A 283 -40.09 3.98 0.66
N ALA A 284 -41.41 4.19 0.63
CA ALA A 284 -42.32 3.21 0.03
C ALA A 284 -42.24 3.35 -1.49
N GLU A 285 -42.74 2.34 -2.20
CA GLU A 285 -42.71 2.34 -3.66
C GLU A 285 -43.34 3.60 -4.26
N GLY A 286 -42.55 4.33 -5.05
CA GLY A 286 -43.02 5.53 -5.70
C GLY A 286 -42.90 6.78 -4.85
N LYS A 287 -42.57 6.58 -3.58
CA LYS A 287 -42.44 7.67 -2.64
C LYS A 287 -41.02 8.19 -2.41
N PHE A 288 -40.22 8.22 -3.48
CA PHE A 288 -38.84 8.70 -3.40
C PHE A 288 -38.78 10.08 -2.74
N PRO A 289 -37.83 10.30 -1.81
CA PRO A 289 -37.70 11.59 -1.13
C PRO A 289 -37.28 12.71 -2.07
N VAL A 290 -37.75 13.93 -1.83
CA VAL A 290 -37.38 15.05 -2.68
C VAL A 290 -36.02 15.58 -2.23
N ILE A 291 -35.16 15.86 -3.21
CA ILE A 291 -33.84 16.37 -2.92
C ILE A 291 -33.72 17.74 -3.56
N ASP A 292 -34.19 18.76 -2.87
CA ASP A 292 -34.13 20.14 -3.35
C ASP A 292 -32.86 20.75 -2.78
N LEU A 293 -31.77 20.60 -3.51
CA LEU A 293 -30.48 21.11 -3.07
C LEU A 293 -30.41 22.63 -2.95
N ARG A 294 -31.25 23.32 -3.70
CA ARG A 294 -31.25 24.78 -3.68
C ARG A 294 -31.56 25.29 -2.27
N ARG A 295 -32.43 24.59 -1.56
CA ARG A 295 -32.79 24.99 -0.22
C ARG A 295 -32.17 24.06 0.82
N GLN A 296 -30.86 23.91 0.72
CA GLN A 296 -30.09 23.09 1.66
C GLN A 296 -29.09 24.00 2.31
N PRO A 297 -29.14 24.11 3.65
CA PRO A 297 -28.18 24.99 4.31
C PRO A 297 -26.76 24.69 3.86
N LEU A 298 -25.98 25.74 3.65
CA LEU A 298 -24.58 25.61 3.24
C LEU A 298 -23.84 26.49 4.23
N THR A 299 -22.57 26.21 4.49
CA THR A 299 -21.82 27.03 5.43
C THR A 299 -20.46 27.37 4.86
N PRO A 300 -19.81 28.40 5.43
CA PRO A 300 -18.49 28.83 4.99
C PRO A 300 -17.43 27.75 4.97
N SER A 301 -17.43 26.88 5.98
CA SER A 301 -16.43 25.82 6.06
C SER A 301 -16.69 24.76 4.99
N GLN A 302 -17.94 24.62 4.56
CA GLN A 302 -18.25 23.65 3.52
C GLN A 302 -17.79 24.15 2.15
N VAL A 303 -18.15 25.38 1.80
CA VAL A 303 -17.73 25.96 0.54
C VAL A 303 -16.21 25.96 0.50
N LYS A 304 -15.60 26.17 1.65
CA LYS A 304 -14.15 26.20 1.73
C LYS A 304 -13.59 24.79 1.50
N ALA A 305 -14.34 23.77 1.91
CA ALA A 305 -13.91 22.40 1.73
C ALA A 305 -14.13 22.03 0.27
N GLY A 306 -14.83 22.90 -0.45
CA GLY A 306 -15.12 22.64 -1.85
C GLY A 306 -13.88 22.73 -2.72
N LYS A 307 -13.04 23.72 -2.44
CA LYS A 307 -11.83 23.91 -3.21
C LYS A 307 -10.81 22.83 -2.89
N TYR A 308 -11.00 22.19 -1.75
CA TYR A 308 -10.12 21.11 -1.32
C TYR A 308 -10.16 20.04 -2.40
N PHE A 309 -11.37 19.78 -2.89
CA PHE A 309 -11.60 18.79 -3.91
C PHE A 309 -10.98 19.06 -5.27
N VAL A 310 -10.89 20.33 -5.65
CA VAL A 310 -10.29 20.65 -6.94
C VAL A 310 -8.79 20.34 -6.89
N VAL A 311 -8.20 20.49 -5.71
CA VAL A 311 -6.78 20.23 -5.52
C VAL A 311 -6.48 18.75 -5.59
N VAL A 312 -7.35 17.93 -4.98
CA VAL A 312 -7.15 16.50 -5.00
C VAL A 312 -7.28 16.08 -6.45
N SER A 313 -8.21 16.74 -7.14
CA SER A 313 -8.45 16.49 -8.55
C SER A 313 -7.17 16.80 -9.30
N ALA A 314 -6.44 17.80 -8.82
CA ALA A 314 -5.20 18.19 -9.44
C ALA A 314 -4.10 17.21 -9.07
N LEU A 315 -4.01 16.86 -7.79
CA LEU A 315 -2.98 15.92 -7.34
C LEU A 315 -3.18 14.59 -8.04
N PHE A 316 -4.45 14.24 -8.26
CA PHE A 316 -4.79 13.01 -8.96
C PHE A 316 -4.22 13.11 -10.37
N PHE A 317 -4.34 14.28 -10.97
CA PHE A 317 -3.80 14.50 -12.30
C PHE A 317 -2.30 14.27 -12.35
N VAL A 318 -1.54 14.87 -11.41
CA VAL A 318 -0.09 14.70 -11.43
C VAL A 318 0.29 13.27 -11.07
N GLN A 319 -0.41 12.74 -10.08
CA GLN A 319 -0.14 11.37 -9.65
C GLN A 319 -0.20 10.45 -10.85
N THR A 320 -1.25 10.60 -11.65
CA THR A 320 -1.41 9.77 -12.84
C THR A 320 -0.24 9.98 -13.79
N MET A 321 0.09 11.24 -14.05
CA MET A 321 1.19 11.57 -14.94
C MET A 321 2.46 10.81 -14.59
N PHE A 322 2.82 10.82 -13.31
CA PHE A 322 4.02 10.10 -12.87
C PHE A 322 3.85 8.63 -13.21
N GLY A 323 2.62 8.15 -13.11
CA GLY A 323 2.36 6.76 -13.46
C GLY A 323 2.64 6.55 -14.94
N ALA A 324 2.26 7.53 -15.75
CA ALA A 324 2.50 7.48 -17.18
C ALA A 324 4.00 7.46 -17.43
N LEU A 325 4.72 8.17 -16.58
CA LEU A 325 6.17 8.22 -16.72
C LEU A 325 6.80 6.89 -16.36
N LEU A 326 6.42 6.33 -15.21
CA LEU A 326 6.97 5.04 -14.75
C LEU A 326 6.78 3.92 -15.77
N ALA A 327 5.60 3.87 -16.36
CA ALA A 327 5.27 2.85 -17.37
C ALA A 327 6.17 3.04 -18.58
N HIS A 328 6.40 4.30 -18.95
CA HIS A 328 7.24 4.62 -20.09
C HIS A 328 8.66 4.10 -19.87
N TYR A 329 9.20 4.32 -18.66
CA TYR A 329 10.55 3.86 -18.34
C TYR A 329 10.80 2.34 -18.54
N TYR A 330 9.75 1.53 -18.58
CA TYR A 330 9.97 0.09 -18.81
C TYR A 330 10.36 -0.11 -20.27
N THR A 331 10.02 0.86 -21.12
CA THR A 331 10.34 0.78 -22.54
C THR A 331 11.56 1.64 -22.88
N GLU A 332 11.72 2.76 -22.18
CA GLU A 332 12.88 3.63 -22.38
C GLU A 332 13.42 3.94 -20.98
N PRO A 333 14.34 3.09 -20.47
CA PRO A 333 15.03 3.09 -19.17
C PRO A 333 15.64 4.36 -18.63
N ASP A 334 16.38 5.08 -19.48
CA ASP A 334 17.06 6.29 -19.05
C ASP A 334 16.65 7.58 -19.76
N SER A 335 15.47 7.59 -20.37
CA SER A 335 15.02 8.79 -21.08
C SER A 335 13.52 8.80 -21.36
N PHE A 336 12.96 9.99 -21.50
CA PHE A 336 11.55 10.13 -21.81
C PHE A 336 11.43 10.70 -23.21
N PHE A 337 11.47 9.81 -24.22
CA PHE A 337 11.38 10.24 -25.61
C PHE A 337 12.57 11.09 -26.03
N GLY A 338 13.78 10.68 -25.67
CA GLY A 338 14.95 11.45 -26.06
C GLY A 338 15.31 12.63 -25.17
N ILE A 339 14.31 13.23 -24.52
CA ILE A 339 14.55 14.36 -23.64
C ILE A 339 15.58 13.96 -22.57
N ASN A 340 16.11 14.93 -21.83
CA ASN A 340 17.12 14.62 -20.83
C ASN A 340 16.81 14.89 -19.37
N TRP A 341 16.62 16.17 -19.02
CA TRP A 341 16.35 16.52 -17.63
C TRP A 341 15.37 15.60 -16.92
N ILE A 342 14.41 15.08 -17.66
CA ILE A 342 13.38 14.20 -17.11
C ILE A 342 13.95 13.00 -16.36
N TYR A 343 14.85 12.24 -16.98
CA TYR A 343 15.45 11.09 -16.29
C TYR A 343 16.49 11.58 -15.29
N ASP A 344 16.87 12.84 -15.41
CA ASP A 344 17.86 13.42 -14.52
C ASP A 344 17.20 13.89 -13.23
N ILE A 345 16.15 14.70 -13.35
CA ILE A 345 15.46 15.20 -12.18
C ILE A 345 14.38 14.23 -11.72
N LEU A 346 13.74 13.54 -12.67
CA LEU A 346 12.68 12.61 -12.34
C LEU A 346 12.94 11.15 -12.74
N PRO A 347 13.94 10.51 -12.11
CA PRO A 347 14.21 9.10 -12.46
C PRO A 347 13.11 8.20 -11.87
N PHE A 348 13.14 6.91 -12.22
CA PHE A 348 12.11 5.97 -11.75
C PHE A 348 11.86 5.95 -10.24
N ASN A 349 12.89 5.61 -9.45
CA ASN A 349 12.74 5.57 -7.99
C ASN A 349 12.07 6.80 -7.42
N ILE A 350 12.52 7.98 -7.83
CA ILE A 350 11.92 9.21 -7.34
C ILE A 350 10.47 9.31 -7.81
N ALA A 351 10.24 9.05 -9.10
CA ALA A 351 8.89 9.12 -9.65
C ALA A 351 7.94 8.12 -8.97
N LYS A 352 8.46 6.93 -8.70
CA LYS A 352 7.67 5.90 -8.04
C LYS A 352 7.19 6.46 -6.69
N GLY A 353 8.14 6.95 -5.89
CA GLY A 353 7.81 7.51 -4.59
C GLY A 353 6.68 8.51 -4.63
N TYR A 354 6.77 9.45 -5.56
CA TYR A 354 5.72 10.47 -5.70
C TYR A 354 4.39 9.83 -6.12
N HIS A 355 4.47 8.84 -7.00
CA HIS A 355 3.28 8.14 -7.48
C HIS A 355 2.49 7.60 -6.29
N LEU A 356 3.20 6.86 -5.42
CA LEU A 356 2.58 6.29 -4.23
C LEU A 356 2.17 7.37 -3.26
N GLN A 357 3.10 8.26 -2.96
CA GLN A 357 2.84 9.36 -2.02
C GLN A 357 1.63 10.20 -2.42
N LEU A 358 1.50 10.48 -3.71
CA LEU A 358 0.39 11.29 -4.15
C LEU A 358 -0.92 10.51 -4.15
N ALA A 359 -0.87 9.23 -4.49
CA ALA A 359 -2.06 8.39 -4.48
C ALA A 359 -2.72 8.46 -3.11
N ILE A 360 -1.97 8.11 -2.08
CA ILE A 360 -2.47 8.15 -0.71
C ILE A 360 -2.90 9.57 -0.38
N PHE A 361 -2.08 10.54 -0.77
CA PHE A 361 -2.36 11.95 -0.50
C PHE A 361 -3.69 12.44 -1.08
N TRP A 362 -3.92 12.20 -2.37
CA TRP A 362 -5.16 12.68 -2.97
C TRP A 362 -6.40 11.90 -2.54
N ILE A 363 -6.26 10.60 -2.32
CA ILE A 363 -7.42 9.86 -1.90
C ILE A 363 -7.69 10.15 -0.44
N ALA A 364 -6.65 10.09 0.38
CA ALA A 364 -6.81 10.37 1.80
C ALA A 364 -7.44 11.73 2.04
N THR A 365 -6.84 12.77 1.48
CA THR A 365 -7.36 14.10 1.74
C THR A 365 -8.72 14.40 1.10
N ALA A 366 -9.18 13.51 0.22
CA ALA A 366 -10.50 13.70 -0.37
C ALA A 366 -11.52 13.41 0.74
N TRP A 367 -11.23 12.40 1.57
CA TRP A 367 -12.11 12.02 2.68
C TRP A 367 -11.96 12.96 3.88
N LEU A 368 -10.80 13.58 4.03
CA LEU A 368 -10.64 14.52 5.12
C LEU A 368 -11.56 15.69 4.79
N GLY A 369 -11.56 16.06 3.52
CA GLY A 369 -12.38 17.16 3.05
C GLY A 369 -13.85 16.80 3.25
N MET A 370 -14.19 15.57 2.88
CA MET A 370 -15.57 15.11 3.03
C MET A 370 -15.94 15.25 4.50
N GLY A 371 -14.98 14.98 5.38
CA GLY A 371 -15.20 15.09 6.81
C GLY A 371 -15.48 16.54 7.17
N ILE A 372 -14.69 17.45 6.61
CA ILE A 372 -14.87 18.89 6.87
C ILE A 372 -16.28 19.22 6.41
N PHE A 373 -16.59 18.82 5.18
CA PHE A 373 -17.90 19.10 4.59
C PHE A 373 -19.13 18.66 5.38
N ILE A 374 -19.12 17.46 5.94
CA ILE A 374 -20.31 17.01 6.68
C ILE A 374 -20.32 17.40 8.14
N ALA A 375 -19.15 17.73 8.67
CA ALA A 375 -19.02 18.10 10.07
C ALA A 375 -20.12 19.04 10.56
N PRO A 376 -20.32 20.20 9.90
CA PRO A 376 -21.38 21.10 10.37
C PRO A 376 -22.75 20.44 10.35
N LEU A 377 -23.04 19.72 9.27
CA LEU A 377 -24.31 19.02 9.12
C LEU A 377 -24.62 18.13 10.34
N VAL A 378 -23.60 17.46 10.85
CA VAL A 378 -23.76 16.57 12.00
C VAL A 378 -24.09 17.37 13.25
N GLY A 379 -23.51 18.55 13.38
CA GLY A 379 -23.75 19.38 14.55
C GLY A 379 -24.94 20.29 14.41
N GLY A 380 -25.21 20.76 13.20
CA GLY A 380 -26.35 21.63 12.98
C GLY A 380 -25.97 23.10 12.90
N GLN A 381 -24.68 23.37 12.75
CA GLN A 381 -24.23 24.76 12.64
C GLN A 381 -22.74 24.89 12.42
N GLU A 382 -22.32 26.08 11.99
CA GLU A 382 -20.92 26.39 11.74
C GLU A 382 -20.18 26.71 13.03
N PRO A 383 -19.12 25.96 13.35
CA PRO A 383 -18.37 26.24 14.57
C PRO A 383 -17.63 27.57 14.37
N LYS A 384 -17.44 28.34 15.45
CA LYS A 384 -16.74 29.60 15.33
C LYS A 384 -15.29 29.30 14.97
N LYS A 385 -14.73 30.06 14.04
CA LYS A 385 -13.35 29.87 13.60
C LYS A 385 -13.15 28.59 12.80
N GLN A 386 -14.25 27.96 12.37
CA GLN A 386 -14.15 26.73 11.58
C GLN A 386 -13.43 27.10 10.28
N GLY A 387 -13.97 28.07 9.56
CA GLY A 387 -13.34 28.50 8.31
C GLY A 387 -11.89 28.84 8.52
N LEU A 388 -11.58 29.37 9.69
CA LEU A 388 -10.21 29.75 10.00
C LEU A 388 -9.37 28.48 10.09
N LEU A 389 -9.84 27.52 10.88
CA LEU A 389 -9.12 26.26 11.07
C LEU A 389 -9.03 25.52 9.76
N VAL A 390 -10.15 25.38 9.07
CA VAL A 390 -10.19 24.69 7.78
C VAL A 390 -9.12 25.29 6.87
N ASP A 391 -9.20 26.60 6.65
CA ASP A 391 -8.24 27.28 5.80
C ASP A 391 -6.80 27.04 6.24
N LEU A 392 -6.57 26.95 7.54
CA LEU A 392 -5.23 26.72 8.05
C LEU A 392 -4.78 25.28 7.78
N LEU A 393 -5.71 24.34 7.88
CA LEU A 393 -5.42 22.92 7.63
C LEU A 393 -4.98 22.84 6.17
N PHE A 394 -5.69 23.60 5.32
CA PHE A 394 -5.42 23.65 3.90
C PHE A 394 -3.94 23.91 3.61
N TRP A 395 -3.47 25.09 3.98
CA TRP A 395 -2.08 25.44 3.73
C TRP A 395 -1.08 24.62 4.53
N ALA A 396 -1.56 23.68 5.32
CA ALA A 396 -0.67 22.83 6.09
C ALA A 396 -0.26 21.63 5.23
N LEU A 397 -1.25 21.00 4.61
CA LEU A 397 -0.98 19.84 3.75
C LEU A 397 -0.20 20.30 2.53
N VAL A 398 -0.67 21.39 1.93
CA VAL A 398 -0.04 21.95 0.74
C VAL A 398 1.47 22.10 0.98
N VAL A 399 1.84 22.37 2.23
CA VAL A 399 3.23 22.51 2.60
C VAL A 399 3.84 21.13 2.74
N LEU A 400 3.14 20.28 3.50
CA LEU A 400 3.59 18.91 3.73
C LEU A 400 3.89 18.23 2.39
N VAL A 401 2.95 18.34 1.46
CA VAL A 401 3.05 17.75 0.13
C VAL A 401 4.23 18.33 -0.65
N GLY A 402 4.15 19.62 -0.97
CA GLY A 402 5.20 20.28 -1.70
C GLY A 402 6.53 20.10 -0.97
N GLY A 403 6.47 20.21 0.35
CA GLY A 403 7.66 20.08 1.19
C GLY A 403 8.26 18.69 1.19
N SER A 404 7.51 17.70 1.68
CA SER A 404 7.99 16.32 1.74
C SER A 404 8.55 15.83 0.40
N MET A 405 7.95 16.26 -0.70
CA MET A 405 8.43 15.86 -2.02
C MET A 405 9.81 16.49 -2.28
N ILE A 406 9.95 17.78 -1.99
CA ILE A 406 11.23 18.46 -2.15
C ILE A 406 12.24 17.66 -1.33
N GLY A 407 11.85 17.35 -0.10
CA GLY A 407 12.69 16.60 0.79
C GLY A 407 13.20 15.31 0.17
N GLN A 408 12.30 14.55 -0.44
CA GLN A 408 12.67 13.29 -1.07
C GLN A 408 13.70 13.51 -2.18
N TRP A 409 13.53 14.57 -2.96
CA TRP A 409 14.47 14.86 -4.04
C TRP A 409 15.85 15.11 -3.47
N LEU A 410 15.94 16.06 -2.55
CA LEU A 410 17.22 16.40 -1.92
C LEU A 410 17.83 15.18 -1.21
N GLY A 411 16.99 14.43 -0.53
CA GLY A 411 17.47 13.26 0.18
C GLY A 411 18.06 12.17 -0.70
N VAL A 412 17.31 11.72 -1.71
CA VAL A 412 17.82 10.67 -2.59
C VAL A 412 19.07 11.16 -3.30
N ASN A 413 19.06 12.42 -3.72
CA ASN A 413 20.19 13.00 -4.43
C ASN A 413 21.47 13.24 -3.64
N GLY A 414 21.35 13.41 -2.33
CA GLY A 414 22.54 13.63 -1.52
C GLY A 414 22.80 15.04 -1.06
N TYR A 415 21.94 15.96 -1.50
CA TYR A 415 22.05 17.36 -1.11
C TYR A 415 21.50 17.57 0.29
N LEU A 416 21.70 16.58 1.14
CA LEU A 416 21.24 16.61 2.52
C LEU A 416 22.30 15.88 3.31
N GLY A 417 22.42 16.21 4.60
CA GLY A 417 23.42 15.54 5.40
C GLY A 417 22.79 14.41 6.17
N ASN A 418 22.92 14.48 7.49
CA ASN A 418 22.35 13.48 8.35
C ASN A 418 20.87 13.81 8.51
N GLU A 419 20.40 14.72 7.66
CA GLU A 419 18.99 15.15 7.70
C GLU A 419 18.13 14.35 6.71
N TRP A 420 18.70 13.30 6.11
CA TRP A 420 17.96 12.50 5.15
C TRP A 420 16.79 11.78 5.78
N PHE A 421 17.01 11.21 6.96
CA PHE A 421 15.94 10.49 7.65
C PHE A 421 14.91 11.44 8.23
N LEU A 422 15.34 12.64 8.59
CA LEU A 422 14.43 13.60 9.18
C LEU A 422 13.67 14.40 8.14
N LEU A 423 14.35 14.75 7.05
CA LEU A 423 13.73 15.56 6.00
C LEU A 423 13.78 14.97 4.60
N GLY A 424 14.60 13.94 4.40
CA GLY A 424 14.73 13.37 3.07
C GLY A 424 13.81 12.23 2.69
N HIS A 425 14.42 11.15 2.22
CA HIS A 425 13.70 9.95 1.81
C HIS A 425 13.94 8.87 2.84
N GLN A 426 12.89 8.48 3.55
CA GLN A 426 13.01 7.46 4.59
C GLN A 426 13.40 6.09 4.05
N GLY A 427 13.14 5.83 2.77
CA GLY A 427 13.54 4.56 2.18
C GLY A 427 12.61 3.35 2.24
N TRP A 428 11.36 3.58 2.61
CA TRP A 428 10.37 2.51 2.66
C TRP A 428 9.31 2.81 1.61
N GLU A 429 9.04 1.84 0.73
CA GLU A 429 8.00 2.03 -0.27
C GLU A 429 6.72 2.30 0.49
N TYR A 430 5.95 3.29 0.02
CA TYR A 430 4.70 3.70 0.64
C TYR A 430 4.96 4.64 1.81
N ILE A 431 6.14 4.54 2.40
CA ILE A 431 6.48 5.45 3.49
C ILE A 431 7.79 6.13 3.15
N GLU A 432 7.75 6.95 2.11
CA GLU A 432 8.93 7.63 1.62
C GLU A 432 9.25 8.99 2.25
N LEU A 433 8.29 9.61 2.92
CA LEU A 433 8.51 10.91 3.55
C LEU A 433 9.40 10.83 4.79
N GLY A 434 10.04 11.95 5.12
CA GLY A 434 10.91 12.00 6.28
C GLY A 434 10.17 12.10 7.59
N ARG A 435 10.78 11.59 8.66
CA ARG A 435 10.17 11.61 9.98
C ARG A 435 9.56 12.94 10.40
N ILE A 436 10.26 14.06 10.24
CA ILE A 436 9.66 15.32 10.67
C ILE A 436 8.45 15.61 9.77
N TRP A 437 8.52 15.14 8.52
CA TRP A 437 7.40 15.31 7.58
C TRP A 437 6.21 14.49 8.07
N GLN A 438 6.49 13.36 8.72
CA GLN A 438 5.45 12.51 9.27
C GLN A 438 4.81 13.17 10.50
N ILE A 439 5.64 13.85 11.28
CA ILE A 439 5.17 14.54 12.47
C ILE A 439 4.15 15.60 12.08
N ILE A 440 4.47 16.39 11.05
CA ILE A 440 3.54 17.42 10.63
C ILE A 440 2.27 16.80 10.07
N LEU A 441 2.41 15.59 9.51
CA LEU A 441 1.27 14.86 8.96
C LEU A 441 0.26 14.57 10.07
N VAL A 442 0.69 13.87 11.12
CA VAL A 442 -0.19 13.53 12.25
C VAL A 442 -0.82 14.77 12.89
N VAL A 443 -0.04 15.84 13.06
CA VAL A 443 -0.57 17.06 13.64
C VAL A 443 -1.68 17.57 12.73
N GLY A 444 -1.45 17.45 11.42
CA GLY A 444 -2.45 17.88 10.47
C GLY A 444 -3.74 17.10 10.64
N MET A 445 -3.61 15.78 10.76
CA MET A 445 -4.79 14.94 10.94
C MET A 445 -5.41 15.24 12.28
N LEU A 446 -4.56 15.38 13.29
CA LEU A 446 -5.01 15.71 14.64
C LEU A 446 -5.85 16.97 14.52
N LEU A 447 -5.31 17.98 13.86
CA LEU A 447 -6.04 19.24 13.67
C LEU A 447 -7.34 18.88 12.95
N TRP A 448 -7.20 18.11 11.88
CA TRP A 448 -8.37 17.68 11.11
C TRP A 448 -9.42 17.08 12.04
N LEU A 449 -8.97 16.20 12.92
CA LEU A 449 -9.85 15.55 13.87
C LEU A 449 -10.59 16.60 14.69
N PHE A 450 -9.83 17.56 15.21
CA PHE A 450 -10.41 18.63 16.02
C PHE A 450 -11.53 19.33 15.24
N ILE A 451 -11.23 19.70 14.00
CA ILE A 451 -12.19 20.37 13.13
C ILE A 451 -13.46 19.54 12.98
N VAL A 452 -13.32 18.22 12.87
CA VAL A 452 -14.48 17.35 12.73
C VAL A 452 -15.27 17.33 14.02
N PHE A 453 -14.57 17.11 15.12
CA PHE A 453 -15.16 17.08 16.45
C PHE A 453 -15.91 18.39 16.75
N ARG A 454 -15.29 19.52 16.45
CA ARG A 454 -15.95 20.80 16.69
C ARG A 454 -17.32 20.87 16.02
N GLY A 455 -17.39 20.46 14.76
CA GLY A 455 -18.67 20.50 14.05
C GLY A 455 -19.64 19.40 14.42
N VAL A 456 -19.10 18.25 14.79
CA VAL A 456 -19.90 17.07 15.12
C VAL A 456 -20.29 17.00 16.59
N LYS A 457 -19.44 17.54 17.45
CA LYS A 457 -19.65 17.53 18.90
C LYS A 457 -21.09 17.49 19.35
N ARG A 458 -21.88 18.48 18.95
CA ARG A 458 -23.26 18.51 19.38
C ARG A 458 -24.09 17.33 18.89
N GLY A 459 -23.68 16.73 17.78
CA GLY A 459 -24.39 15.58 17.28
C GLY A 459 -24.17 14.47 18.30
N LEU A 460 -22.93 14.33 18.73
CA LEU A 460 -22.58 13.30 19.72
C LEU A 460 -23.38 13.49 21.00
N LYS A 461 -23.76 14.74 21.28
CA LYS A 461 -24.55 15.03 22.46
C LYS A 461 -26.02 14.69 22.26
N ARG A 462 -26.57 14.99 21.09
CA ARG A 462 -27.98 14.67 20.83
C ARG A 462 -28.16 13.16 20.73
N GLU A 463 -27.14 12.48 20.20
CA GLU A 463 -27.23 11.03 20.02
C GLU A 463 -27.08 10.28 21.31
N SER A 464 -28.21 9.75 21.74
CA SER A 464 -28.29 9.02 22.98
C SER A 464 -27.47 7.73 22.98
N ASP A 465 -27.79 6.86 22.03
CA ASP A 465 -27.12 5.57 21.81
C ASP A 465 -25.66 5.84 21.54
N LYS A 466 -24.78 5.48 22.47
CA LYS A 466 -23.34 5.73 22.32
C LYS A 466 -22.70 4.89 21.24
N GLY A 467 -23.49 4.04 20.62
CA GLY A 467 -22.99 3.20 19.55
C GLY A 467 -23.79 3.47 18.30
N GLY A 468 -24.38 4.66 18.25
CA GLY A 468 -25.17 5.09 17.11
C GLY A 468 -24.36 5.61 15.95
N LEU A 469 -25.04 5.99 14.89
CA LEU A 469 -24.39 6.51 13.69
C LEU A 469 -23.29 7.54 13.96
N ILE A 470 -23.66 8.66 14.59
CA ILE A 470 -22.70 9.73 14.88
C ILE A 470 -21.50 9.30 15.73
N HIS A 471 -21.73 8.37 16.66
CA HIS A 471 -20.63 7.90 17.50
C HIS A 471 -19.68 7.02 16.68
N LEU A 472 -20.26 6.20 15.80
CA LEU A 472 -19.46 5.35 14.94
C LEU A 472 -18.70 6.25 13.97
N LEU A 473 -19.35 7.31 13.51
CA LEU A 473 -18.71 8.25 12.61
C LEU A 473 -17.52 8.92 13.29
N PHE A 474 -17.66 9.22 14.58
CA PHE A 474 -16.58 9.86 15.32
C PHE A 474 -15.48 8.91 15.76
N TYR A 475 -15.86 7.71 16.21
CA TYR A 475 -14.84 6.75 16.62
C TYR A 475 -13.90 6.42 15.48
N SER A 476 -14.47 6.17 14.29
CA SER A 476 -13.68 5.85 13.11
C SER A 476 -12.84 7.03 12.65
N ALA A 477 -13.42 8.23 12.75
CA ALA A 477 -12.71 9.44 12.36
C ALA A 477 -11.42 9.57 13.17
N ILE A 478 -11.44 9.18 14.42
CA ILE A 478 -10.23 9.32 15.21
C ILE A 478 -9.14 8.29 14.92
N ALA A 479 -9.54 7.17 14.34
CA ALA A 479 -8.59 6.11 14.00
C ALA A 479 -7.68 6.62 12.90
N VAL A 480 -8.12 7.65 12.17
CA VAL A 480 -7.30 8.21 11.10
C VAL A 480 -5.94 8.65 11.64
N PRO A 481 -5.90 9.71 12.44
CA PRO A 481 -4.61 10.15 12.98
C PRO A 481 -3.94 9.10 13.87
N PHE A 482 -4.68 8.59 14.83
CA PHE A 482 -4.15 7.59 15.76
C PHE A 482 -3.35 6.46 15.12
N PHE A 483 -4.02 5.70 14.26
CA PHE A 483 -3.38 4.56 13.64
C PHE A 483 -2.10 4.82 12.87
N TYR A 484 -1.84 6.04 12.45
CA TYR A 484 -0.61 6.32 11.71
C TYR A 484 0.58 6.36 12.65
N ILE A 485 0.32 6.53 13.94
CA ILE A 485 1.39 6.59 14.91
C ILE A 485 2.26 5.32 14.96
N PHE A 486 1.70 4.17 14.60
CA PHE A 486 2.50 2.93 14.61
C PHE A 486 3.70 3.00 13.66
N ALA A 487 3.66 3.96 12.75
CA ALA A 487 4.76 4.14 11.80
C ALA A 487 6.03 4.48 12.57
N PHE A 488 5.88 5.22 13.66
CA PHE A 488 7.02 5.64 14.46
C PHE A 488 7.77 4.50 15.12
N PHE A 489 7.24 3.28 15.07
CA PHE A 489 7.95 2.15 15.64
C PHE A 489 9.03 1.74 14.64
N ILE A 490 9.06 2.47 13.53
CA ILE A 490 10.02 2.20 12.46
C ILE A 490 11.10 3.28 12.34
N GLN A 491 12.35 2.82 12.22
CA GLN A 491 13.49 3.71 12.05
C GLN A 491 14.64 2.92 11.44
N PRO A 492 15.61 3.59 10.80
CA PRO A 492 16.79 3.02 10.14
C PRO A 492 17.49 1.80 10.73
N ASP A 493 17.56 1.70 12.06
CA ASP A 493 18.27 0.57 12.66
C ASP A 493 17.39 -0.64 13.01
N THR A 494 16.07 -0.49 12.84
CA THR A 494 15.12 -1.57 13.13
C THR A 494 15.44 -2.75 12.21
N ASN A 495 15.29 -3.97 12.72
CA ASN A 495 15.55 -5.15 11.88
C ASN A 495 14.54 -5.09 10.72
N PHE A 496 14.99 -5.44 9.52
CA PHE A 496 14.12 -5.37 8.36
C PHE A 496 12.74 -6.02 8.50
N THR A 497 12.70 -7.30 8.82
CA THR A 497 11.41 -7.98 8.94
C THR A 497 10.51 -7.37 10.04
N MET A 498 11.10 -6.92 11.13
CA MET A 498 10.30 -6.32 12.21
C MET A 498 9.78 -4.96 11.79
N ALA A 499 10.58 -4.18 11.07
CA ALA A 499 10.16 -2.87 10.62
C ALA A 499 9.08 -3.03 9.53
N ASP A 500 9.24 -4.05 8.69
CA ASP A 500 8.30 -4.32 7.64
C ASP A 500 6.97 -4.70 8.30
N PHE A 501 7.07 -5.43 9.40
CA PHE A 501 5.90 -5.83 10.15
C PHE A 501 5.06 -4.58 10.43
N TRP A 502 5.68 -3.55 10.99
CA TRP A 502 4.95 -2.32 11.30
C TRP A 502 4.55 -1.52 10.05
N ARG A 503 5.36 -1.58 9.00
CA ARG A 503 5.04 -0.84 7.78
C ARG A 503 3.66 -1.27 7.26
N TRP A 504 3.38 -2.56 7.33
CA TRP A 504 2.10 -3.04 6.87
C TRP A 504 0.92 -2.58 7.71
N TRP A 505 1.16 -2.19 8.96
CA TRP A 505 0.08 -1.68 9.78
C TRP A 505 -0.42 -0.41 9.10
N ILE A 506 0.48 0.27 8.40
CA ILE A 506 0.12 1.52 7.74
C ILE A 506 -0.46 1.29 6.34
N ILE A 507 0.14 0.37 5.60
CA ILE A 507 -0.30 0.09 4.24
C ILE A 507 -1.60 -0.71 4.22
N HIS A 508 -1.58 -1.86 4.89
CA HIS A 508 -2.71 -2.76 4.95
C HIS A 508 -3.83 -2.44 5.96
N LEU A 509 -3.47 -1.96 7.15
CA LEU A 509 -4.47 -1.65 8.17
C LEU A 509 -4.95 -0.21 8.14
N TRP A 510 -4.02 0.74 8.04
CA TRP A 510 -4.35 2.17 8.04
C TRP A 510 -5.05 2.72 6.79
N VAL A 511 -4.36 2.71 5.66
CA VAL A 511 -4.94 3.21 4.42
C VAL A 511 -6.30 2.63 4.20
N GLU A 512 -6.44 1.36 4.53
CA GLU A 512 -7.68 0.64 4.36
C GLU A 512 -8.60 0.81 5.59
N GLY A 513 -8.10 1.49 6.61
CA GLY A 513 -8.90 1.77 7.79
C GLY A 513 -9.52 3.13 7.48
N ILE A 514 -8.79 3.95 6.72
CA ILE A 514 -9.29 5.28 6.32
C ILE A 514 -10.47 5.06 5.41
N PHE A 515 -10.36 4.05 4.56
CA PHE A 515 -11.38 3.79 3.58
C PHE A 515 -12.44 2.75 3.79
N GLU A 516 -12.15 1.72 4.54
CA GLU A 516 -13.15 0.70 4.67
C GLU A 516 -13.96 0.85 5.92
N VAL A 517 -13.69 1.89 6.70
CA VAL A 517 -14.44 2.09 7.91
C VAL A 517 -14.99 3.50 7.99
N PHE A 518 -14.12 4.49 7.88
CA PHE A 518 -14.53 5.89 7.94
C PHE A 518 -15.44 6.24 6.77
N ALA A 519 -14.99 5.91 5.56
CA ALA A 519 -15.75 6.19 4.34
C ALA A 519 -17.12 5.53 4.39
N VAL A 520 -17.14 4.25 4.75
CA VAL A 520 -18.37 3.48 4.84
C VAL A 520 -19.40 4.07 5.80
N VAL A 521 -18.96 4.52 6.96
CA VAL A 521 -19.89 5.10 7.91
C VAL A 521 -20.31 6.48 7.39
N VAL A 522 -19.40 7.15 6.70
CA VAL A 522 -19.71 8.46 6.11
C VAL A 522 -20.81 8.31 5.05
N ILE A 523 -20.75 7.22 4.28
CA ILE A 523 -21.75 6.98 3.25
C ILE A 523 -23.10 6.63 3.85
N GLY A 524 -23.08 5.84 4.92
CA GLY A 524 -24.31 5.47 5.59
C GLY A 524 -24.97 6.73 6.09
N PHE A 525 -24.15 7.60 6.69
CA PHE A 525 -24.63 8.88 7.21
C PHE A 525 -25.32 9.66 6.09
N LEU A 526 -24.66 9.76 4.94
CA LEU A 526 -25.18 10.46 3.78
C LEU A 526 -26.50 9.88 3.29
N LEU A 527 -26.57 8.55 3.20
CA LEU A 527 -27.79 7.89 2.75
C LEU A 527 -28.93 8.01 3.78
N VAL A 528 -28.58 8.13 5.06
CA VAL A 528 -29.58 8.28 6.11
C VAL A 528 -30.09 9.72 6.07
N GLN A 529 -29.17 10.64 5.77
CA GLN A 529 -29.47 12.07 5.70
C GLN A 529 -30.42 12.38 4.52
N LEU A 530 -30.14 11.76 3.38
CA LEU A 530 -30.94 11.95 2.18
C LEU A 530 -32.26 11.24 2.40
N ARG A 531 -32.39 10.60 3.55
CA ARG A 531 -33.61 9.87 3.88
C ARG A 531 -33.84 8.74 2.86
N LEU A 532 -32.75 8.11 2.42
CA LEU A 532 -32.85 7.03 1.45
C LEU A 532 -32.89 5.65 2.15
N VAL A 533 -32.28 5.55 3.32
CA VAL A 533 -32.26 4.31 4.08
C VAL A 533 -32.50 4.60 5.55
N THR A 534 -33.22 3.72 6.22
CA THR A 534 -33.52 3.94 7.63
C THR A 534 -32.24 3.93 8.44
N LYS A 535 -32.16 4.85 9.41
CA LYS A 535 -31.00 4.98 10.27
C LYS A 535 -30.76 3.72 11.07
N LYS A 536 -31.84 3.15 11.61
CA LYS A 536 -31.71 1.92 12.40
C LYS A 536 -31.07 0.86 11.55
N SER A 537 -31.64 0.67 10.36
CA SER A 537 -31.17 -0.31 9.39
C SER A 537 -29.68 -0.15 9.15
N THR A 538 -29.27 1.10 8.94
CA THR A 538 -27.89 1.42 8.65
C THR A 538 -26.84 1.11 9.74
N VAL A 539 -27.09 1.47 10.99
CA VAL A 539 -26.07 1.23 12.00
C VAL A 539 -25.87 -0.26 12.27
N ARG A 540 -26.96 -1.04 12.21
CA ARG A 540 -26.87 -2.49 12.41
C ARG A 540 -25.99 -3.06 11.29
N ALA A 541 -26.18 -2.55 10.08
CA ALA A 541 -25.41 -3.00 8.94
C ALA A 541 -23.92 -2.73 9.16
N LEU A 542 -23.61 -1.51 9.59
CA LEU A 542 -22.21 -1.13 9.82
C LEU A 542 -21.55 -2.06 10.83
N TYR A 543 -22.30 -2.47 11.84
CA TYR A 543 -21.76 -3.35 12.86
C TYR A 543 -21.30 -4.68 12.28
N PHE A 544 -22.19 -5.30 11.49
CA PHE A 544 -21.92 -6.56 10.84
C PHE A 544 -20.69 -6.45 9.92
N GLN A 545 -20.64 -5.40 9.13
CA GLN A 545 -19.50 -5.20 8.23
C GLN A 545 -18.21 -5.03 8.94
N PHE A 546 -18.23 -4.16 9.94
CA PHE A 546 -17.01 -3.88 10.69
C PHE A 546 -16.50 -5.15 11.32
N THR A 547 -17.39 -5.96 11.90
CA THR A 547 -16.91 -7.18 12.52
C THR A 547 -16.32 -8.13 11.48
N ILE A 548 -16.99 -8.31 10.33
CA ILE A 548 -16.42 -9.22 9.32
C ILE A 548 -15.21 -8.58 8.64
N LEU A 549 -15.19 -7.25 8.56
CA LEU A 549 -14.06 -6.55 7.97
C LEU A 549 -12.84 -6.65 8.91
N LEU A 550 -13.01 -6.36 10.20
CA LEU A 550 -11.89 -6.44 11.13
C LEU A 550 -11.62 -7.90 11.51
N GLY A 551 -12.67 -8.71 11.47
CA GLY A 551 -12.53 -10.13 11.80
C GLY A 551 -11.64 -10.92 10.85
N SER A 552 -11.43 -10.40 9.64
CA SER A 552 -10.57 -11.08 8.70
C SER A 552 -9.33 -10.26 8.41
N GLY A 553 -9.54 -8.98 8.14
CA GLY A 553 -8.46 -8.07 7.77
C GLY A 553 -7.37 -7.71 8.75
N VAL A 554 -7.67 -7.70 10.05
CA VAL A 554 -6.65 -7.39 11.04
C VAL A 554 -5.57 -8.46 11.01
N ILE A 555 -5.97 -9.73 11.02
CA ILE A 555 -4.98 -10.81 11.01
C ILE A 555 -4.52 -11.05 9.57
N GLY A 556 -5.45 -10.85 8.63
CA GLY A 556 -5.16 -11.05 7.23
C GLY A 556 -3.95 -10.25 6.77
N ILE A 557 -3.54 -9.29 7.61
CA ILE A 557 -2.36 -8.46 7.34
C ILE A 557 -1.19 -9.39 7.06
N GLY A 558 -1.23 -10.57 7.69
CA GLY A 558 -0.17 -11.55 7.57
C GLY A 558 0.21 -12.08 6.21
N HIS A 559 -0.63 -11.92 5.19
CA HIS A 559 -0.22 -12.44 3.89
C HIS A 559 0.96 -11.62 3.38
N HIS A 560 1.32 -10.56 4.10
CA HIS A 560 2.47 -9.76 3.69
C HIS A 560 3.67 -10.32 4.43
N TYR A 561 3.42 -11.24 5.35
CA TYR A 561 4.51 -11.81 6.14
C TYR A 561 4.91 -13.21 5.71
N TYR A 562 4.36 -13.69 4.59
CA TYR A 562 4.69 -15.02 4.10
C TYR A 562 6.18 -15.16 3.91
N TYR A 563 6.78 -14.19 3.22
CA TYR A 563 8.19 -14.27 2.88
C TYR A 563 9.13 -13.13 3.22
N ASN A 564 8.75 -12.26 4.14
CA ASN A 564 9.62 -11.14 4.50
C ASN A 564 10.56 -11.48 5.65
N GLY A 565 10.67 -12.78 5.97
CA GLY A 565 11.55 -13.21 7.06
C GLY A 565 10.82 -13.64 8.33
N SER A 566 9.51 -13.40 8.36
CA SER A 566 8.69 -13.75 9.51
C SER A 566 8.59 -15.26 9.74
N PRO A 567 8.31 -15.68 10.98
CA PRO A 567 8.21 -17.13 11.23
C PRO A 567 7.09 -17.82 10.45
N GLU A 568 7.34 -19.08 10.09
CA GLU A 568 6.39 -19.91 9.35
C GLU A 568 4.93 -19.84 9.80
N VAL A 569 4.70 -19.49 11.06
CA VAL A 569 3.34 -19.43 11.58
C VAL A 569 2.47 -18.42 10.84
N TRP A 570 3.09 -17.39 10.27
CA TRP A 570 2.31 -16.40 9.56
C TRP A 570 1.77 -16.89 8.21
N ILE A 571 2.31 -18.00 7.71
CA ILE A 571 1.84 -18.55 6.46
C ILE A 571 0.41 -19.03 6.70
N ALA A 572 0.20 -19.74 7.82
CA ALA A 572 -1.14 -20.25 8.17
C ALA A 572 -2.07 -19.11 8.53
N LEU A 573 -1.64 -18.26 9.47
CA LEU A 573 -2.42 -17.10 9.93
C LEU A 573 -2.79 -16.15 8.79
N GLY A 574 -1.78 -15.79 7.99
CA GLY A 574 -2.02 -14.89 6.88
C GLY A 574 -2.93 -15.49 5.83
N ALA A 575 -2.59 -16.68 5.34
CA ALA A 575 -3.41 -17.33 4.31
C ALA A 575 -4.86 -17.46 4.71
N VAL A 576 -5.12 -17.95 5.92
CA VAL A 576 -6.49 -18.14 6.39
C VAL A 576 -7.29 -16.86 6.54
N PHE A 577 -6.75 -15.87 7.25
CA PHE A 577 -7.46 -14.62 7.47
C PHE A 577 -7.59 -13.67 6.26
N SER A 578 -6.61 -13.68 5.38
CA SER A 578 -6.75 -12.83 4.21
C SER A 578 -7.83 -13.48 3.30
N ALA A 579 -7.88 -14.80 3.26
CA ALA A 579 -8.88 -15.48 2.42
C ALA A 579 -10.28 -15.08 2.90
N LEU A 580 -10.42 -14.92 4.21
CA LEU A 580 -11.73 -14.56 4.75
C LEU A 580 -12.10 -13.13 4.39
N GLU A 581 -11.14 -12.35 3.92
CA GLU A 581 -11.41 -10.95 3.55
C GLU A 581 -12.35 -10.85 2.35
N VAL A 582 -12.40 -11.92 1.56
CA VAL A 582 -13.24 -12.05 0.40
C VAL A 582 -14.75 -12.08 0.73
N ILE A 583 -15.08 -12.55 1.93
CA ILE A 583 -16.49 -12.64 2.33
C ILE A 583 -17.25 -11.30 2.25
N PRO A 584 -16.74 -10.24 2.89
CA PRO A 584 -17.45 -8.95 2.82
C PRO A 584 -17.61 -8.51 1.37
N LEU A 585 -16.62 -8.84 0.54
CA LEU A 585 -16.55 -8.48 -0.88
C LEU A 585 -17.62 -9.08 -1.76
N THR A 586 -18.15 -10.23 -1.41
CA THR A 586 -19.17 -10.80 -2.24
C THR A 586 -20.52 -10.20 -1.97
N LEU A 587 -20.69 -9.63 -0.78
CA LEU A 587 -21.94 -8.97 -0.46
C LEU A 587 -21.78 -7.57 -1.06
N LEU A 588 -21.25 -7.53 -2.28
CA LEU A 588 -20.96 -6.25 -2.95
C LEU A 588 -21.65 -6.07 -4.29
N ILE A 589 -21.36 -6.95 -5.23
CA ILE A 589 -21.98 -6.85 -6.55
C ILE A 589 -23.49 -6.67 -6.40
N LEU A 590 -23.97 -7.13 -5.26
CA LEU A 590 -25.38 -7.09 -4.90
C LEU A 590 -25.75 -5.85 -4.05
N GLU A 591 -24.74 -5.18 -3.52
CA GLU A 591 -24.99 -3.97 -2.75
C GLU A 591 -24.97 -2.87 -3.80
N ALA A 592 -24.14 -3.06 -4.81
CA ALA A 592 -24.03 -2.08 -5.88
C ALA A 592 -25.36 -1.99 -6.58
N TYR A 593 -26.00 -3.16 -6.72
CA TYR A 593 -27.29 -3.24 -7.38
C TYR A 593 -28.36 -2.53 -6.58
N GLU A 594 -28.34 -2.67 -5.27
CA GLU A 594 -29.35 -2.02 -4.42
C GLU A 594 -29.19 -0.51 -4.58
N GLN A 595 -27.95 -0.08 -4.82
CA GLN A 595 -27.62 1.32 -5.01
C GLN A 595 -28.04 1.79 -6.39
N TYR A 596 -27.84 0.93 -7.37
CA TYR A 596 -28.22 1.24 -8.75
C TYR A 596 -29.72 1.40 -8.70
N LYS A 597 -30.37 0.46 -8.03
CA LYS A 597 -31.80 0.45 -7.88
C LYS A 597 -32.33 1.77 -7.34
N MET A 598 -31.87 2.20 -6.15
CA MET A 598 -32.39 3.46 -5.63
C MET A 598 -32.00 4.66 -6.49
N MET A 599 -30.89 4.56 -7.22
CA MET A 599 -30.48 5.64 -8.11
C MET A 599 -31.57 5.79 -9.17
N ARG A 600 -32.18 4.67 -9.56
CA ARG A 600 -33.25 4.69 -10.55
C ARG A 600 -34.55 5.16 -9.94
N ASP A 601 -34.78 4.80 -8.69
CA ASP A 601 -36.00 5.23 -8.01
C ASP A 601 -36.05 6.76 -8.06
N GLY A 602 -34.88 7.38 -8.20
CA GLY A 602 -34.80 8.82 -8.34
C GLY A 602 -34.75 8.95 -9.85
N GLY A 603 -35.59 9.80 -10.43
CA GLY A 603 -35.62 9.94 -11.87
C GLY A 603 -34.35 10.43 -12.54
N ALA A 604 -34.51 11.00 -13.73
CA ALA A 604 -33.39 11.54 -14.47
C ALA A 604 -32.99 12.84 -13.80
N ASN A 605 -33.82 13.30 -12.88
CA ASN A 605 -33.53 14.53 -12.14
C ASN A 605 -32.89 14.20 -10.80
N PHE A 606 -32.41 12.97 -10.63
CA PHE A 606 -31.76 12.57 -9.39
C PHE A 606 -30.44 13.31 -9.29
N PRO A 607 -30.31 14.19 -8.29
CA PRO A 607 -29.11 14.98 -8.06
C PRO A 607 -27.78 14.26 -7.92
N TYR A 608 -27.78 13.05 -7.37
CA TYR A 608 -26.52 12.35 -7.19
C TYR A 608 -26.19 11.20 -8.12
N LYS A 609 -26.51 11.34 -9.41
CA LYS A 609 -26.21 10.29 -10.39
C LYS A 609 -24.73 10.00 -10.45
N ALA A 610 -23.95 11.05 -10.72
CA ALA A 610 -22.51 10.88 -10.84
C ALA A 610 -21.91 10.18 -9.64
N THR A 611 -22.34 10.57 -8.45
CA THR A 611 -21.84 9.98 -7.22
C THR A 611 -22.12 8.47 -7.19
N PHE A 612 -23.36 8.10 -7.43
CA PHE A 612 -23.73 6.70 -7.44
C PHE A 612 -23.03 5.88 -8.52
N TRP A 613 -22.64 6.48 -9.65
CA TRP A 613 -21.95 5.69 -10.67
C TRP A 613 -20.56 5.31 -10.18
N PHE A 614 -19.95 6.17 -9.37
CA PHE A 614 -18.62 5.88 -8.86
C PHE A 614 -18.75 4.95 -7.65
N LEU A 615 -19.85 5.09 -6.93
CA LEU A 615 -20.14 4.25 -5.79
C LEU A 615 -20.30 2.80 -6.30
N ILE A 616 -21.13 2.62 -7.33
CA ILE A 616 -21.35 1.32 -7.95
C ILE A 616 -20.02 0.77 -8.47
N SER A 617 -19.26 1.67 -9.12
CA SER A 617 -17.96 1.29 -9.64
C SER A 617 -17.02 0.77 -8.55
N THR A 618 -16.98 1.41 -7.38
CA THR A 618 -16.08 0.93 -6.32
C THR A 618 -16.49 -0.46 -5.81
N ALA A 619 -17.80 -0.72 -5.74
CA ALA A 619 -18.26 -2.02 -5.28
C ALA A 619 -17.83 -3.12 -6.25
N ILE A 620 -18.00 -2.87 -7.55
CA ILE A 620 -17.62 -3.88 -8.52
C ILE A 620 -16.11 -4.12 -8.55
N TRP A 621 -15.32 -3.04 -8.47
CA TRP A 621 -13.87 -3.20 -8.46
C TRP A 621 -13.44 -3.83 -7.16
N ASN A 622 -14.27 -3.71 -6.13
CA ASN A 622 -13.90 -4.30 -4.86
C ASN A 622 -13.98 -5.82 -5.01
N LEU A 623 -14.94 -6.29 -5.78
CA LEU A 623 -15.08 -7.72 -6.04
C LEU A 623 -13.97 -8.16 -7.01
N VAL A 624 -13.81 -7.43 -8.10
CA VAL A 624 -12.81 -7.76 -9.13
C VAL A 624 -11.35 -7.40 -8.85
N GLY A 625 -11.11 -6.16 -8.50
CA GLY A 625 -9.75 -5.73 -8.21
C GLY A 625 -9.15 -6.32 -6.92
N ALA A 626 -9.89 -6.22 -5.81
CA ALA A 626 -9.39 -6.74 -4.54
C ALA A 626 -9.74 -8.22 -4.38
N GLY A 627 -10.99 -8.53 -4.66
CA GLY A 627 -11.43 -9.90 -4.53
C GLY A 627 -10.80 -10.91 -5.44
N VAL A 628 -10.95 -10.74 -6.76
CA VAL A 628 -10.39 -11.75 -7.62
C VAL A 628 -8.92 -11.53 -7.98
N PHE A 629 -8.54 -10.30 -8.34
CA PHE A 629 -7.14 -10.11 -8.67
C PHE A 629 -6.27 -10.25 -7.41
N GLY A 630 -6.80 -9.84 -6.26
CA GLY A 630 -6.05 -9.97 -5.03
C GLY A 630 -5.90 -11.46 -4.69
N PHE A 631 -6.95 -12.24 -4.90
CA PHE A 631 -6.85 -13.63 -4.58
C PHE A 631 -5.98 -14.41 -5.54
N LEU A 632 -5.87 -13.92 -6.77
CA LEU A 632 -5.06 -14.58 -7.77
C LEU A 632 -3.65 -14.77 -7.26
N ILE A 633 -3.23 -13.88 -6.36
CA ILE A 633 -1.88 -13.95 -5.82
C ILE A 633 -1.82 -14.23 -4.32
N ASN A 634 -2.93 -14.60 -3.70
CA ASN A 634 -2.95 -14.81 -2.26
C ASN A 634 -2.47 -16.19 -1.75
N LEU A 635 -2.72 -17.24 -2.52
CA LEU A 635 -2.30 -18.57 -2.10
C LEU A 635 -0.78 -18.65 -1.82
N PRO A 636 -0.39 -19.19 -0.66
CA PRO A 636 1.05 -19.28 -0.38
C PRO A 636 1.80 -20.07 -1.43
N ALA A 637 1.15 -21.09 -2.01
CA ALA A 637 1.78 -21.90 -3.05
C ALA A 637 2.11 -21.04 -4.28
N VAL A 638 1.17 -20.17 -4.62
CA VAL A 638 1.31 -19.29 -5.76
C VAL A 638 2.28 -18.15 -5.46
N SER A 639 2.03 -17.43 -4.38
CA SER A 639 2.85 -16.32 -3.94
C SER A 639 4.34 -16.69 -3.86
N TYR A 640 4.62 -17.95 -3.56
CA TYR A 640 5.99 -18.41 -3.48
C TYR A 640 6.76 -17.91 -4.70
N PHE A 641 6.18 -18.09 -5.89
CA PHE A 641 6.79 -17.65 -7.14
C PHE A 641 6.44 -16.20 -7.50
N GLU A 642 5.19 -15.83 -7.27
CA GLU A 642 4.69 -14.52 -7.65
C GLU A 642 5.16 -13.32 -6.84
N HIS A 643 5.25 -13.49 -5.51
CA HIS A 643 5.68 -12.43 -4.61
C HIS A 643 6.72 -11.48 -5.24
N GLY A 644 6.37 -10.19 -5.30
CA GLY A 644 7.26 -9.22 -5.91
C GLY A 644 7.28 -9.28 -7.44
N GLN A 645 6.13 -9.51 -8.09
CA GLN A 645 6.05 -9.54 -9.55
C GLN A 645 4.87 -8.73 -10.10
N PHE A 646 4.85 -8.53 -11.41
CA PHE A 646 3.81 -7.72 -12.08
C PHE A 646 2.34 -8.00 -11.75
N LEU A 647 2.03 -9.20 -11.28
CA LEU A 647 0.64 -9.48 -10.95
C LEU A 647 0.26 -8.69 -9.72
N THR A 648 1.25 -8.35 -8.91
CA THR A 648 1.00 -7.58 -7.70
C THR A 648 0.52 -6.19 -8.13
N PRO A 649 1.24 -5.54 -9.05
CA PRO A 649 0.76 -4.21 -9.46
C PRO A 649 -0.58 -4.35 -10.21
N ALA A 650 -0.78 -5.50 -10.88
CA ALA A 650 -2.05 -5.70 -11.61
C ALA A 650 -3.18 -5.57 -10.61
N HIS A 651 -3.03 -6.32 -9.53
CA HIS A 651 -4.00 -6.30 -8.44
C HIS A 651 -3.95 -4.91 -7.77
N GLY A 652 -2.74 -4.41 -7.58
CA GLY A 652 -2.53 -3.12 -6.95
C GLY A 652 -3.35 -1.97 -7.54
N HIS A 653 -3.40 -1.88 -8.87
CA HIS A 653 -4.18 -0.82 -9.51
C HIS A 653 -5.65 -1.10 -9.49
N ALA A 654 -5.99 -2.35 -9.80
CA ALA A 654 -7.39 -2.75 -9.84
C ALA A 654 -8.02 -2.43 -8.49
N ALA A 655 -7.32 -2.75 -7.41
CA ALA A 655 -7.86 -2.48 -6.07
C ALA A 655 -7.71 -1.03 -5.63
N MET A 656 -6.49 -0.52 -5.67
CA MET A 656 -6.28 0.85 -5.21
C MET A 656 -7.11 1.86 -5.98
N MET A 657 -6.90 1.95 -7.29
CA MET A 657 -7.66 2.93 -8.05
C MET A 657 -9.12 2.50 -8.19
N GLY A 658 -9.33 1.21 -8.43
CA GLY A 658 -10.67 0.68 -8.61
C GLY A 658 -11.60 0.86 -7.44
N VAL A 659 -11.07 0.64 -6.24
CA VAL A 659 -11.88 0.76 -5.03
C VAL A 659 -11.75 2.14 -4.39
N TYR A 660 -10.58 2.45 -3.85
CA TYR A 660 -10.38 3.72 -3.17
C TYR A 660 -10.43 4.96 -4.04
N GLY A 661 -9.84 4.90 -5.23
CA GLY A 661 -9.87 6.03 -6.13
C GLY A 661 -11.31 6.40 -6.49
N MET A 662 -12.08 5.41 -6.94
CA MET A 662 -13.47 5.64 -7.32
C MET A 662 -14.30 6.14 -6.14
N PHE A 663 -13.98 5.63 -4.94
CA PHE A 663 -14.73 6.03 -3.75
C PHE A 663 -14.50 7.51 -3.43
N ALA A 664 -13.22 7.90 -3.44
CA ALA A 664 -12.85 9.30 -3.20
C ALA A 664 -13.59 10.17 -4.23
N ILE A 665 -13.53 9.77 -5.51
CA ILE A 665 -14.21 10.52 -6.59
C ILE A 665 -15.72 10.61 -6.33
N ALA A 666 -16.31 9.51 -5.91
CA ALA A 666 -17.74 9.54 -5.64
C ALA A 666 -18.05 10.64 -4.62
N VAL A 667 -17.28 10.66 -3.54
CA VAL A 667 -17.48 11.60 -2.47
C VAL A 667 -17.09 13.01 -2.86
N LEU A 668 -16.08 13.11 -3.72
CA LEU A 668 -15.62 14.40 -4.20
C LEU A 668 -16.76 15.06 -4.99
N LEU A 669 -17.35 14.30 -5.90
CA LEU A 669 -18.45 14.82 -6.72
C LEU A 669 -19.69 15.07 -5.86
N TYR A 670 -19.85 14.29 -4.80
CA TYR A 670 -21.00 14.50 -3.95
C TYR A 670 -20.93 15.89 -3.33
N SER A 671 -19.76 16.27 -2.81
CA SER A 671 -19.61 17.58 -2.19
C SER A 671 -19.75 18.69 -3.24
N LEU A 672 -18.99 18.58 -4.33
CA LEU A 672 -19.03 19.56 -5.41
C LEU A 672 -20.49 19.83 -5.83
N ARG A 673 -21.38 18.87 -5.58
CA ARG A 673 -22.78 19.04 -5.95
C ARG A 673 -23.57 19.90 -4.99
N ASN A 674 -23.18 19.88 -3.72
CA ASN A 674 -23.84 20.68 -2.71
C ASN A 674 -23.27 22.09 -2.73
N ILE A 675 -22.20 22.29 -3.50
CA ILE A 675 -21.52 23.57 -3.59
C ILE A 675 -21.74 24.36 -4.87
N VAL A 676 -21.80 23.69 -6.02
CA VAL A 676 -22.01 24.35 -7.30
C VAL A 676 -23.48 24.72 -7.48
N LYS A 677 -23.74 25.76 -8.26
CA LYS A 677 -25.10 26.17 -8.54
C LYS A 677 -25.63 25.10 -9.48
N PRO A 678 -26.74 24.44 -9.13
CA PRO A 678 -27.35 23.40 -9.96
C PRO A 678 -27.32 23.72 -11.44
N GLU A 679 -27.99 24.81 -11.81
CA GLU A 679 -28.08 25.28 -13.19
C GLU A 679 -26.77 25.17 -13.99
N ALA A 680 -25.63 25.28 -13.31
CA ALA A 680 -24.35 25.20 -13.99
C ALA A 680 -23.79 23.77 -14.01
N TRP A 681 -24.46 22.87 -13.29
CA TRP A 681 -24.01 21.49 -13.21
C TRP A 681 -24.34 20.65 -14.43
N ASN A 682 -23.41 19.76 -14.79
CA ASN A 682 -23.61 18.86 -15.91
C ASN A 682 -22.82 17.58 -15.73
N ASP A 683 -23.52 16.50 -15.45
CA ASP A 683 -22.84 15.22 -15.25
C ASP A 683 -22.65 14.46 -16.54
N LYS A 684 -22.62 15.19 -17.65
CA LYS A 684 -22.38 14.58 -18.96
C LYS A 684 -20.91 14.21 -18.91
N TRP A 685 -20.09 15.22 -18.69
CA TRP A 685 -18.64 15.08 -18.58
C TRP A 685 -18.24 14.03 -17.54
N LEU A 686 -19.03 13.88 -16.49
CA LEU A 686 -18.71 12.93 -15.44
C LEU A 686 -18.97 11.50 -15.93
N LYS A 687 -19.96 11.36 -16.81
CA LYS A 687 -20.29 10.06 -17.37
C LYS A 687 -19.09 9.61 -18.19
N PHE A 688 -18.58 10.54 -18.99
CA PHE A 688 -17.42 10.32 -19.85
C PHE A 688 -16.20 9.96 -19.00
N SER A 689 -16.06 10.64 -17.86
CA SER A 689 -14.92 10.39 -16.98
C SER A 689 -15.03 8.98 -16.40
N CYS A 690 -16.20 8.68 -15.86
CA CYS A 690 -16.47 7.38 -15.27
C CYS A 690 -16.15 6.27 -16.27
N TRP A 691 -16.63 6.42 -17.51
CA TRP A 691 -16.37 5.45 -18.59
C TRP A 691 -14.89 5.34 -18.90
N MET A 692 -14.26 6.49 -19.14
CA MET A 692 -12.84 6.51 -19.45
C MET A 692 -11.98 5.93 -18.32
N LEU A 693 -12.28 6.31 -17.08
CA LEU A 693 -11.50 5.80 -15.94
C LEU A 693 -11.63 4.27 -15.80
N ASN A 694 -12.87 3.76 -15.81
CA ASN A 694 -13.10 2.33 -15.68
C ASN A 694 -12.44 1.52 -16.81
N ILE A 695 -12.67 1.94 -18.05
CA ILE A 695 -12.13 1.24 -19.19
C ILE A 695 -10.62 1.21 -19.19
N GLY A 696 -10.02 2.38 -18.95
CA GLY A 696 -8.57 2.44 -18.91
C GLY A 696 -7.96 1.59 -17.80
N LEU A 697 -8.63 1.55 -16.64
CA LEU A 697 -8.09 0.76 -15.54
C LEU A 697 -8.12 -0.74 -15.92
N ALA A 698 -9.27 -1.22 -16.38
CA ALA A 698 -9.40 -2.62 -16.76
C ALA A 698 -8.43 -2.96 -17.89
N GLY A 699 -8.31 -2.03 -18.83
CA GLY A 699 -7.43 -2.26 -19.96
C GLY A 699 -5.97 -2.37 -19.60
N MET A 700 -5.50 -1.54 -18.67
CA MET A 700 -4.09 -1.59 -18.31
C MET A 700 -3.80 -2.88 -17.54
N VAL A 701 -4.76 -3.30 -16.73
CA VAL A 701 -4.63 -4.54 -15.97
C VAL A 701 -4.65 -5.76 -16.88
N VAL A 702 -5.72 -5.89 -17.65
CA VAL A 702 -5.92 -7.02 -18.57
C VAL A 702 -5.00 -7.11 -19.78
N ILE A 703 -4.73 -5.98 -20.43
CA ILE A 703 -3.90 -5.94 -21.63
C ILE A 703 -2.40 -5.99 -21.38
N THR A 704 -1.99 -5.53 -20.20
CA THR A 704 -0.57 -5.50 -19.91
C THR A 704 -0.11 -6.15 -18.60
N LEU A 705 -0.48 -5.56 -17.47
CA LEU A 705 -0.06 -6.12 -16.19
C LEU A 705 -0.30 -7.63 -16.01
N LEU A 706 -1.49 -8.11 -16.37
CA LEU A 706 -1.84 -9.53 -16.23
C LEU A 706 -0.97 -10.45 -17.10
N PRO A 707 -0.96 -10.23 -18.43
CA PRO A 707 -0.12 -11.13 -19.23
C PRO A 707 1.38 -11.08 -18.88
N VAL A 708 1.91 -9.91 -18.55
CA VAL A 708 3.32 -9.87 -18.16
C VAL A 708 3.48 -10.63 -16.83
N GLY A 709 2.53 -10.44 -15.92
CA GLY A 709 2.60 -11.14 -14.65
C GLY A 709 2.68 -12.65 -14.79
N ILE A 710 1.94 -13.20 -15.73
CA ILE A 710 1.94 -14.64 -15.95
C ILE A 710 3.31 -15.10 -16.44
N LEU A 711 3.85 -14.38 -17.43
CA LEU A 711 5.16 -14.67 -18.01
C LEU A 711 6.24 -14.64 -16.91
N GLN A 712 6.21 -13.59 -16.11
CA GLN A 712 7.18 -13.43 -15.05
C GLN A 712 7.11 -14.56 -14.02
N MET A 713 5.90 -15.03 -13.72
CA MET A 713 5.73 -16.12 -12.77
C MET A 713 6.22 -17.43 -13.37
N LYS A 714 5.98 -17.61 -14.67
CA LYS A 714 6.42 -18.81 -15.38
C LYS A 714 7.95 -18.84 -15.45
N GLU A 715 8.52 -17.68 -15.73
CA GLU A 715 9.96 -17.49 -15.82
C GLU A 715 10.65 -17.78 -14.51
N ALA A 716 9.98 -17.49 -13.39
CA ALA A 716 10.59 -17.76 -12.09
C ALA A 716 10.45 -19.25 -11.78
N PHE A 717 9.33 -19.83 -12.18
CA PHE A 717 9.09 -21.25 -11.93
C PHE A 717 10.11 -22.14 -12.66
N ILE A 718 10.55 -21.71 -13.84
CA ILE A 718 11.49 -22.52 -14.61
C ILE A 718 12.98 -22.22 -14.48
N HIS A 719 13.34 -20.98 -14.21
CA HIS A 719 14.75 -20.63 -14.11
C HIS A 719 15.21 -20.09 -12.75
N GLY A 720 14.26 -19.81 -11.87
CA GLY A 720 14.58 -19.26 -10.56
C GLY A 720 14.03 -17.86 -10.49
N TYR A 721 13.66 -17.43 -9.30
CA TYR A 721 13.10 -16.11 -9.14
C TYR A 721 14.06 -15.01 -9.56
N TRP A 722 15.36 -15.26 -9.50
CA TRP A 722 16.33 -14.23 -9.87
C TRP A 722 16.17 -13.85 -11.33
N ALA A 723 15.88 -14.84 -12.15
CA ALA A 723 15.72 -14.66 -13.60
C ALA A 723 14.50 -13.82 -13.96
N SER A 724 13.49 -13.82 -13.09
CA SER A 724 12.28 -13.07 -13.36
C SER A 724 12.39 -11.60 -12.97
N ARG A 725 13.35 -11.30 -12.11
CA ARG A 725 13.56 -9.94 -11.62
C ARG A 725 14.76 -9.25 -12.26
N SER A 726 15.41 -9.94 -13.18
CA SER A 726 16.55 -9.35 -13.88
C SER A 726 15.99 -8.48 -14.99
N PRO A 727 16.69 -7.40 -15.32
CA PRO A 727 16.24 -6.48 -16.38
C PRO A 727 16.13 -7.26 -17.70
N SER A 728 16.84 -8.38 -17.76
CA SER A 728 16.84 -9.24 -18.92
C SER A 728 15.41 -9.67 -19.26
N PHE A 729 14.63 -9.92 -18.21
CA PHE A 729 13.25 -10.35 -18.37
C PHE A 729 12.44 -9.24 -19.03
N LEU A 730 12.59 -8.02 -18.51
CA LEU A 730 11.86 -6.88 -19.05
C LEU A 730 12.28 -6.60 -20.48
N GLN A 731 13.45 -7.07 -20.87
CA GLN A 731 13.94 -6.83 -22.22
C GLN A 731 13.40 -7.77 -23.31
N GLN A 732 12.83 -8.92 -22.95
CA GLN A 732 12.29 -9.81 -23.97
C GLN A 732 11.26 -9.08 -24.82
N ASP A 733 11.38 -9.25 -26.13
CA ASP A 733 10.46 -8.61 -27.07
C ASP A 733 9.01 -8.78 -26.65
N VAL A 734 8.65 -9.99 -26.28
CA VAL A 734 7.27 -10.28 -25.88
C VAL A 734 6.86 -9.36 -24.74
N VAL A 735 7.74 -9.22 -23.74
CA VAL A 735 7.44 -8.36 -22.62
C VAL A 735 7.28 -6.93 -23.09
N GLN A 736 8.30 -6.42 -23.78
CA GLN A 736 8.27 -5.06 -24.29
C GLN A 736 6.99 -4.73 -25.06
N ASN A 737 6.63 -5.54 -26.06
CA ASN A 737 5.39 -5.24 -26.81
C ASN A 737 4.21 -5.11 -25.86
N LEU A 738 4.08 -6.06 -24.95
CA LEU A 738 3.03 -6.05 -23.94
C LEU A 738 3.13 -4.73 -23.19
N LEU A 739 4.35 -4.35 -22.84
CA LEU A 739 4.59 -3.09 -22.12
C LEU A 739 4.24 -1.88 -22.98
N LEU A 740 4.61 -1.93 -24.26
CA LEU A 740 4.36 -0.84 -25.20
C LEU A 740 2.88 -0.50 -25.43
N VAL A 741 2.03 -1.52 -25.51
CA VAL A 741 0.60 -1.29 -25.74
C VAL A 741 -0.18 -0.84 -24.53
N ARG A 742 0.50 -0.67 -23.41
CA ARG A 742 -0.14 -0.20 -22.18
C ARG A 742 -0.56 1.24 -22.40
N ALA A 743 0.07 1.85 -23.40
CA ALA A 743 -0.18 3.25 -23.73
C ALA A 743 -1.61 3.52 -24.12
N VAL A 744 -2.22 2.60 -24.86
CA VAL A 744 -3.59 2.81 -25.25
C VAL A 744 -4.45 3.01 -23.99
N PRO A 745 -4.68 1.93 -23.19
CA PRO A 745 -5.49 2.12 -21.98
C PRO A 745 -4.95 3.16 -20.99
N ASP A 746 -3.64 3.35 -20.94
CA ASP A 746 -3.07 4.36 -20.04
C ASP A 746 -3.48 5.76 -20.48
N THR A 747 -3.58 5.95 -21.79
CA THR A 747 -3.95 7.26 -22.33
C THR A 747 -5.43 7.45 -22.10
N ILE A 748 -6.20 6.39 -22.31
CA ILE A 748 -7.64 6.44 -22.09
C ILE A 748 -7.91 6.80 -20.63
N PHE A 749 -7.15 6.19 -19.72
CA PHE A 749 -7.31 6.49 -18.29
C PHE A 749 -6.96 7.97 -18.06
N LEU A 750 -5.84 8.38 -18.65
CA LEU A 750 -5.40 9.76 -18.51
C LEU A 750 -6.51 10.71 -18.94
N ILE A 751 -7.13 10.44 -20.09
CA ILE A 751 -8.19 11.32 -20.58
C ILE A 751 -9.32 11.45 -19.55
N GLY A 752 -9.67 10.34 -18.92
CA GLY A 752 -10.74 10.37 -17.93
C GLY A 752 -10.38 11.25 -16.74
N VAL A 753 -9.12 11.26 -16.36
CA VAL A 753 -8.76 12.07 -15.24
C VAL A 753 -8.71 13.55 -15.62
N VAL A 754 -8.26 13.88 -16.83
CA VAL A 754 -8.22 15.31 -17.19
C VAL A 754 -9.63 15.87 -17.26
N ALA A 755 -10.57 15.08 -17.78
CA ALA A 755 -11.95 15.53 -17.87
C ALA A 755 -12.45 15.87 -16.46
N LEU A 756 -12.02 15.09 -15.48
CA LEU A 756 -12.42 15.33 -14.09
C LEU A 756 -11.78 16.63 -13.64
N LEU A 757 -10.48 16.74 -13.86
CA LEU A 757 -9.73 17.93 -13.49
C LEU A 757 -10.40 19.16 -14.10
N VAL A 758 -10.63 19.13 -15.41
CA VAL A 758 -11.28 20.24 -16.09
C VAL A 758 -12.62 20.57 -15.46
N PHE A 759 -13.38 19.56 -15.06
CA PHE A 759 -14.69 19.78 -14.44
C PHE A 759 -14.50 20.31 -13.01
N ALA A 760 -13.40 19.92 -12.38
CA ALA A 760 -13.16 20.38 -11.02
C ALA A 760 -12.79 21.86 -11.07
N ILE A 761 -11.77 22.17 -11.86
CA ILE A 761 -11.30 23.54 -11.99
C ILE A 761 -12.40 24.52 -12.38
N LYS A 762 -12.99 24.33 -13.56
CA LYS A 762 -14.04 25.24 -13.97
C LYS A 762 -15.31 24.92 -13.23
N ALA A 763 -15.19 24.81 -11.92
CA ALA A 763 -16.33 24.53 -11.07
C ALA A 763 -16.30 25.61 -9.99
N LEU A 764 -15.13 26.22 -9.82
CA LEU A 764 -14.99 27.29 -8.84
C LEU A 764 -15.69 28.52 -9.43
N PHE A 765 -15.83 28.54 -10.74
CA PHE A 765 -16.46 29.65 -11.44
C PHE A 765 -17.98 29.65 -11.32
N HIS A 766 -18.53 28.66 -10.64
CA HIS A 766 -19.99 28.61 -10.49
C HIS A 766 -20.38 28.16 -9.10
N LEU A 767 -19.59 28.58 -8.12
CA LEU A 767 -19.85 28.23 -6.73
C LEU A 767 -20.96 29.06 -6.10
N ARG A 768 -21.59 28.49 -5.08
CA ARG A 768 -22.64 29.18 -4.35
C ARG A 768 -21.93 29.79 -3.13
N LYS A 769 -22.60 30.70 -2.44
CA LYS A 769 -21.98 31.27 -1.25
C LYS A 769 -22.78 30.88 -0.03
N PRO A 770 -22.10 30.73 1.12
CA PRO A 770 -22.74 30.34 2.37
C PRO A 770 -24.12 30.94 2.63
N THR A 771 -25.04 30.09 3.05
CA THR A 771 -26.40 30.50 3.37
C THR A 771 -26.44 30.98 4.81
N HIS A 772 -25.91 30.15 5.71
CA HIS A 772 -25.88 30.48 7.12
C HIS A 772 -24.45 30.69 7.57
N GLY A 773 -24.27 31.45 8.65
CA GLY A 773 -22.93 31.68 9.18
C GLY A 773 -22.81 30.83 10.42
N GLU A 774 -22.54 31.45 11.56
CA GLU A 774 -22.44 30.70 12.80
C GLU A 774 -23.86 30.52 13.35
N GLY A 775 -24.83 30.50 12.43
CA GLY A 775 -26.24 30.36 12.76
C GLY A 775 -26.78 28.96 13.07
N GLU A 776 -28.00 28.69 12.63
CA GLU A 776 -28.64 27.40 12.92
C GLU A 776 -29.53 26.86 11.78
N GLU A 777 -29.24 25.62 11.36
CA GLU A 777 -29.94 24.94 10.26
C GLU A 777 -31.34 24.40 10.57
CHA HEM B . 2.65 1.40 -9.33
CHB HEM B . 1.66 3.09 -13.73
CHC HEM B . -2.48 5.06 -12.10
CHD HEM B . -1.59 3.28 -7.69
C1A HEM B . 2.80 1.72 -10.69
C2A HEM B . 3.97 1.37 -11.54
C3A HEM B . 3.63 1.85 -12.78
C4A HEM B . 2.34 2.48 -12.68
CMA HEM B . 4.48 1.73 -14.06
CAA HEM B . 5.29 0.64 -11.22
CBA HEM B . 5.43 -0.27 -9.99
CGA HEM B . 6.86 -0.84 -9.91
O1A HEM B . 7.42 -1.27 -10.96
O2A HEM B . 7.43 -0.87 -8.80
C1B HEM B . 0.44 3.75 -13.69
C2B HEM B . -0.21 4.35 -14.84
C3B HEM B . -1.41 4.93 -14.39
C4B HEM B . -1.44 4.66 -12.97
CMB HEM B . 0.36 4.32 -16.28
CAB HEM B . -2.39 5.63 -15.19
CBB HEM B . -2.21 6.51 -16.29
C1C HEM B . -2.59 4.80 -10.73
C2C HEM B . -3.70 5.27 -9.92
C3C HEM B . -3.49 4.77 -8.64
C4C HEM B . -2.22 4.01 -8.73
CMC HEM B . -4.88 6.14 -10.40
CAC HEM B . -4.34 4.96 -7.52
CBC HEM B . -4.65 6.16 -6.92
C1D HEM B . -0.35 2.57 -7.77
C2D HEM B . 0.25 1.80 -6.69
C3D HEM B . 1.43 1.26 -7.16
C4D HEM B . 1.57 1.72 -8.51
CMD HEM B . -0.35 1.61 -5.31
CAD HEM B . 2.43 0.35 -6.40
CBD HEM B . 2.08 -1.15 -6.52
CGD HEM B . 3.27 -2.13 -6.60
O1D HEM B . 3.04 -3.34 -6.69
O2D HEM B . 4.42 -1.69 -6.57
NA HEM B . 1.85 2.40 -11.40
NB HEM B . -0.30 3.92 -12.55
NC HEM B . -1.72 4.06 -10.01
ND HEM B . 0.46 2.51 -8.88
FE HEM B . 0.17 3.33 -10.63
CHA HEM C . -0.67 -6.46 -2.43
CHB HEM C . -3.99 -3.02 -2.42
CHC HEM C . -7.38 -6.26 -1.03
CHD HEM C . -4.11 -9.81 -1.25
C1A HEM C . -1.28 -5.22 -2.60
C2A HEM C . -0.62 -4.01 -3.07
C3A HEM C . -1.56 -3.05 -3.09
C4A HEM C . -2.79 -3.66 -2.61
CMA HEM C . -1.38 -1.58 -3.51
CAA HEM C . 0.82 -3.85 -3.44
CBA HEM C . 1.71 -3.69 -2.17
CGA HEM C . 3.15 -3.52 -2.54
O1A HEM C . 4.02 -4.35 -2.14
O2A HEM C . 3.42 -2.53 -3.24
C1B HEM C . -5.19 -3.60 -1.99
C2B HEM C . -6.39 -2.84 -1.76
C3B HEM C . -7.39 -3.74 -1.34
C4B HEM C . -6.73 -5.05 -1.34
CMB HEM C . -6.50 -1.32 -1.98
CAB HEM C . -8.77 -3.43 -1.01
CBB HEM C . -9.64 -2.48 -1.60
C1C HEM C . -6.82 -7.55 -1.01
C2C HEM C . -7.57 -8.77 -0.74
C3C HEM C . -6.67 -9.80 -0.82
C4C HEM C . -5.36 -9.16 -1.13
CMC HEM C . -9.09 -8.86 -0.45
CAC HEM C . -6.95 -11.16 -0.62
CBC HEM C . -7.27 -12.04 -1.64
C1D HEM C . -2.86 -9.18 -1.55
C2D HEM C . -1.58 -9.87 -1.58
C3D HEM C . -0.59 -8.95 -1.89
C4D HEM C . -1.29 -7.67 -2.06
CMD HEM C . -1.36 -11.37 -1.33
CAD HEM C . 0.94 -9.24 -2.00
CBD HEM C . 1.57 -9.47 -3.37
CGD HEM C . 3.05 -9.92 -3.29
O1D HEM C . 3.65 -10.12 -4.35
O2D HEM C . 3.61 -10.06 -2.17
NA HEM C . -2.60 -4.97 -2.34
NB HEM C . -5.37 -4.95 -1.71
NC HEM C . -5.51 -7.82 -1.24
ND HEM C . -2.67 -7.83 -1.83
FE HEM C . -3.98 -6.37 -1.82
ZN ZN D . -2.90 -6.97 2.57
CA CA E . 5.71 -2.82 -4.43
C1 BOG F . -13.42 28.85 -17.76
O1 BOG F . -12.66 27.81 -17.13
C2 BOG F . -14.48 29.35 -16.76
O2 BOG F . -15.34 28.28 -16.38
C3 BOG F . -15.30 30.47 -17.43
O3 BOG F . -16.29 30.98 -16.52
C4 BOG F . -14.33 31.61 -17.83
O4 BOG F . -15.08 32.66 -18.46
C5 BOG F . -13.27 31.03 -18.81
O5 BOG F . -12.52 29.95 -18.16
C6 BOG F . -12.31 32.15 -19.22
O6 BOG F . -11.33 31.63 -20.12
C1' BOG F . -11.66 27.30 -18.02
C2' BOG F . -10.91 26.19 -17.27
C3' BOG F . -9.83 25.58 -18.14
C4' BOG F . -9.12 24.49 -17.30
C5' BOG F . -7.97 23.68 -17.91
C6' BOG F . -7.26 22.61 -17.08
C7' BOG F . -6.15 21.98 -17.93
C8' BOG F . -5.44 20.91 -17.12
C1 BOG G . -31.09 -9.88 17.01
O1 BOG G . -29.66 -9.68 17.08
C2 BOG G . -31.73 -9.27 18.28
O2 BOG G . -31.19 -9.89 19.46
C3 BOG G . -33.25 -9.47 18.24
O3 BOG G . -33.87 -8.91 19.42
C4 BOG G . -33.80 -8.79 16.98
O4 BOG G . -35.23 -8.98 16.92
C5 BOG G . -33.11 -9.42 15.75
O5 BOG G . -31.65 -9.23 15.82
C6 BOG G . -33.65 -8.76 14.48
O6 BOG G . -33.04 -9.33 13.32
C1' BOG G . -29.04 -10.27 15.94
C2' BOG G . -27.52 -10.07 16.03
C3' BOG G . -26.85 -10.72 14.82
C4' BOG G . -25.33 -10.54 14.92
C5' BOG G . -24.42 -11.10 13.83
C6' BOG G . -22.91 -10.93 13.92
C7' BOG G . -22.22 -11.59 12.72
C8' BOG G . -20.73 -11.41 12.85
C1 BOG H . 3.54 -21.36 18.11
O1 BOG H . 2.49 -22.08 17.46
C2 BOG H . 4.42 -22.38 18.90
O2 BOG H . 3.62 -23.08 19.87
C3 BOG H . 5.55 -21.61 19.60
O3 BOG H . 6.39 -22.51 20.34
C4 BOG H . 6.38 -20.87 18.54
O4 BOG H . 7.44 -20.14 19.18
C5 BOG H . 5.46 -19.93 17.76
O5 BOG H . 4.38 -20.67 17.12
C6 BOG H . 6.30 -19.22 16.69
O6 BOG H . 5.49 -18.31 15.94
C1' BOG H . 1.65 -21.16 16.76
C2' BOG H . 0.54 -21.93 16.05
C3' BOG H . -0.36 -20.95 15.27
C4' BOG H . -1.44 -21.74 14.52
C5' BOG H . -2.46 -21.00 13.66
C6' BOG H . -3.53 -21.79 12.91
C7' BOG H . -4.41 -20.82 12.12
C8' BOG H . -5.45 -21.62 11.38
N1 EPE I . 2.52 7.56 -23.48
C2 EPE I . 1.73 8.67 -24.09
C3 EPE I . 0.93 9.39 -22.97
N4 EPE I . 1.89 9.98 -21.99
C5 EPE I . 2.68 8.86 -21.38
C6 EPE I . 3.47 8.15 -22.48
C7 EPE I . 1.12 10.66 -20.93
C8 EPE I . 2.06 11.32 -19.89
O8 EPE I . 2.03 12.73 -20.05
C9 EPE I . 3.28 6.89 -24.55
C10 EPE I . 4.10 5.73 -23.96
S EPE I . 5.06 4.89 -25.26
O1S EPE I . 4.23 4.26 -26.24
O2S EPE I . 6.07 5.79 -25.74
O3S EPE I . 5.81 3.75 -24.56
N1 LOP J . -28.66 3.16 24.20
C1 LOP J . -27.22 3.06 23.91
C2 LOP J . -26.45 2.99 25.24
O1 LOP J . -25.03 3.03 24.98
P1 LOP J . -24.35 1.98 23.97
O2 LOP J . -23.53 0.93 24.88
O3 LOP J . -23.26 2.83 23.15
O4 LOP J . -25.34 1.33 23.08
C3 LOP J . -22.60 0.03 24.27
C4 LOP J . -21.57 0.74 23.42
C5 LOP J . -20.68 1.64 24.29
O5 LOP J . -20.74 -0.20 22.71
O6 LOP J . -19.67 2.33 23.55
C6 LOP J . -20.10 0.47 21.72
O7 LOP J . -20.43 1.63 21.47
C7 LOP J . -19.01 -0.22 20.90
C8 LOP J . -18.89 0.41 19.51
C9 LOP J . -17.50 0.15 18.93
C10 LOP J . -17.32 0.88 17.60
C11 LOP J . -15.85 0.83 17.19
C12 LOP J . -15.66 1.23 15.73
C13 LOP J . -14.16 1.19 15.43
C14 LOP J . -13.92 1.29 14.06
C15 LOP J . -12.60 1.39 13.61
C16 LOP J . -11.54 1.40 14.52
C17 LOP J . -10.96 -0.01 14.74
C18 LOP J . -9.88 0.05 15.82
C19 LOP J . -9.21 -1.30 16.07
C20 LOP J . -8.44 -1.80 14.84
C21 LOP J . -7.44 -2.91 15.21
C22 LOP J . -6.38 -2.36 16.17
C23 LOP J . -5.28 -3.38 16.45
C24 LOP J . -18.90 3.05 24.41
O8 LOP J . -19.31 3.32 25.54
C25 LOP J . -17.57 3.58 23.91
C26 LOP J . -16.73 2.37 23.45
C27 LOP J . -16.52 2.41 21.93
C28 LOP J . -15.69 3.64 21.55
C29 LOP J . -14.36 3.69 22.30
C30 LOP J . -13.35 4.47 21.45
C31 LOP J . -13.00 3.65 20.21
C32 LOP J . -12.11 4.41 19.24
C33 LOP J . -10.94 3.55 18.77
C34 LOP J . -10.25 4.17 17.56
C35 LOP J . -8.76 4.39 17.82
N1 LOP K . -25.85 -0.59 -15.99
C1 LOP K . -26.37 -0.39 -17.35
C2 LOP K . -27.80 0.18 -17.27
O1 LOP K . -27.80 1.58 -17.59
P1 LOP K . -28.15 2.06 -19.10
O2 LOP K . -27.80 3.65 -19.15
O3 LOP K . -29.76 1.95 -19.22
O4 LOP K . -27.44 1.31 -20.18
C3 LOP K . -27.65 4.39 -17.93
C4 LOP K . -26.40 3.97 -17.14
C5 LOP K . -25.37 5.09 -17.19
O5 LOP K . -26.69 3.83 -15.74
O6 LOP K . -24.39 4.65 -16.24
C6 LOP K . -25.78 3.07 -15.09
O7 LOP K . -24.99 2.35 -15.70
C7 LOP K . -25.78 3.03 -13.55
C8 LOP K . -25.07 1.79 -13.01
C9 LOP K . -23.66 1.66 -13.59
C10 LOP K . -22.71 2.69 -12.98
C11 LOP K . -21.31 2.54 -13.55
C12 LOP K . -20.79 1.14 -13.23
C13 LOP K . -19.47 0.92 -13.98
C14 LOP K . -19.09 -0.40 -13.74
C15 LOP K . -17.80 -0.79 -14.05
C16 LOP K . -17.52 -2.12 -13.79
C17 LOP K . -16.05 -2.30 -13.41
C18 LOP K . -15.48 -3.28 -14.43
C19 LOP K . -14.19 -3.94 -13.92
C20 LOP K . -13.80 -5.02 -14.91
C21 LOP K . -12.41 -5.60 -14.65
C22 LOP K . -12.09 -6.61 -15.76
C23 LOP K . -10.62 -7.02 -15.74
C24 LOP K . -23.20 5.27 -16.39
O8 LOP K . -23.09 6.20 -17.19
C25 LOP K . -22.01 4.85 -15.52
C26 LOP K . -20.78 4.59 -16.38
C27 LOP K . -20.69 3.11 -16.78
C28 LOP K . -19.34 2.87 -17.46
C29 LOP K . -18.96 1.39 -17.37
C30 LOP K . -17.57 1.19 -17.96
C31 LOP K . -16.94 -0.03 -17.30
C32 LOP K . -16.46 -1.05 -18.33
C33 LOP K . -15.90 -2.23 -17.55
C34 LOP K . -15.46 -3.40 -18.44
C35 LOP K . -14.22 -3.03 -19.25
#